data_7BXS
#
_entry.id   7BXS
#
_cell.length_a   58.692
_cell.length_b   101.802
_cell.length_c   69.832
_cell.angle_alpha   90.000
_cell.angle_beta   112.983
_cell.angle_gamma   90.000
#
_symmetry.space_group_name_H-M   'P 1 21 1'
#
loop_
_entity.id
_entity.type
_entity.pdbx_description
1 polymer '2-amino-3-ketobutyrate coenzyme A ligase'
2 non-polymer N-GLYCINE-[3-HYDROXY-2-METHYL-5-PHOSPHONOOXYMETHYL-PYRIDIN-4-YL-METHANE]
3 water water
#
_entity_poly.entity_id   1
_entity_poly.type   'polypeptide(L)'
_entity_poly.pdbx_seq_one_letter_code
;MGHMMSNAEAFYASIRTELESIRAAGLFKNERVIATPQGARVRTTDGREVINLCANNYLGLSSHPQVIEAAHEALRTHGF
GLSSVRFICGTQDLHKTLEARLSAFLGTEDTILYGSAFDANGGLFETLLGAEDAVISDALNHASIIDGVRLSKARRYRYQ
HNDMDDLRVQLEQARADGARYTLVFSDGVFSMDGTVARLDEMRAICDEYGALLGIDECHATGFMGQRGRGTHEARGVFGK
IDIITGTLGAALGGASGGFTSARKEVVALLRQRSRPYLFSNTVAPAIVGASIAVLDILEASTELRDRLEGNTRFFRAGLD
RLGFDVKAGDHPIIPIMVYDADKAQQLAQRLLELGVYVVGFFYPVVPKGQARIRVQMSALHDEAALQAALDAFGQAGREL
GLILEHHHHHH
;
_entity_poly.pdbx_strand_id   A,B
#
# COMPACT_ATOMS: atom_id res chain seq x y z
N MET A 5 -38.28 -3.42 5.61
CA MET A 5 -36.88 -3.06 5.33
C MET A 5 -35.96 -3.13 6.56
N SER A 6 -34.85 -3.87 6.45
CA SER A 6 -33.84 -3.89 7.49
C SER A 6 -32.82 -2.78 7.24
N ASN A 7 -32.13 -2.39 8.31
CA ASN A 7 -31.11 -1.34 8.17
C ASN A 7 -30.06 -1.75 7.16
N ALA A 8 -29.60 -3.00 7.23
CA ALA A 8 -28.52 -3.47 6.36
C ALA A 8 -28.93 -3.36 4.89
N GLU A 9 -30.15 -3.81 4.56
CA GLU A 9 -30.62 -3.72 3.17
C GLU A 9 -30.93 -2.29 2.80
N ALA A 10 -31.39 -1.49 3.75
CA ALA A 10 -31.45 -0.04 3.54
C ALA A 10 -30.09 0.51 3.14
N PHE A 11 -29.04 0.09 3.85
CA PHE A 11 -27.69 0.57 3.51
C PHE A 11 -27.35 0.24 2.05
N TYR A 12 -27.68 -0.97 1.60
CA TYR A 12 -27.36 -1.35 0.22
C TYR A 12 -28.17 -0.55 -0.78
N ALA A 13 -29.36 -0.09 -0.39
CA ALA A 13 -30.14 0.79 -1.26
C ALA A 13 -29.49 2.17 -1.38
N SER A 14 -29.02 2.73 -0.26
CA SER A 14 -28.31 4.01 -0.34
C SER A 14 -27.07 3.90 -1.22
N ILE A 15 -26.35 2.78 -1.13
CA ILE A 15 -25.23 2.55 -2.03
C ILE A 15 -25.69 2.51 -3.48
N ARG A 16 -26.75 1.73 -3.78
CA ARG A 16 -27.20 1.63 -5.17
C ARG A 16 -27.75 2.97 -5.67
N THR A 17 -28.39 3.74 -4.79
CA THR A 17 -28.82 5.08 -5.16
C THR A 17 -27.62 5.96 -5.48
N GLU A 18 -26.58 5.88 -4.66
CA GLU A 18 -25.38 6.69 -4.88
C GLU A 18 -24.73 6.31 -6.21
N LEU A 19 -24.61 5.01 -6.47
CA LEU A 19 -24.05 4.54 -7.73
C LEU A 19 -24.87 5.02 -8.93
N GLU A 20 -26.19 5.12 -8.78
CA GLU A 20 -27.01 5.57 -9.90
C GLU A 20 -26.85 7.07 -10.12
N SER A 21 -26.78 7.85 -9.04
CA SER A 21 -26.54 9.27 -9.19
C SER A 21 -25.20 9.56 -9.86
N ILE A 22 -24.16 8.79 -9.53
CA ILE A 22 -22.85 9.00 -10.14
C ILE A 22 -22.90 8.82 -11.66
N ARG A 23 -23.62 7.79 -12.14
CA ARG A 23 -23.85 7.64 -13.57
C ARG A 23 -24.58 8.84 -14.15
N ALA A 24 -25.71 9.22 -13.53
CA ALA A 24 -26.53 10.30 -14.07
C ALA A 24 -25.74 11.58 -14.25
N ALA A 25 -24.78 11.82 -13.36
CA ALA A 25 -23.92 13.00 -13.47
C ALA A 25 -22.80 12.82 -14.50
N GLY A 26 -22.77 11.70 -15.22
CA GLY A 26 -21.68 11.39 -16.12
C GLY A 26 -20.34 11.20 -15.45
N LEU A 27 -20.32 10.85 -14.16
CA LEU A 27 -19.09 10.80 -13.38
C LEU A 27 -18.66 9.36 -13.12
N PHE A 28 -19.31 8.38 -13.75
CA PHE A 28 -19.02 6.98 -13.52
C PHE A 28 -17.81 6.56 -14.37
N LYS A 29 -16.87 5.85 -13.74
CA LYS A 29 -15.63 5.45 -14.37
C LYS A 29 -15.72 4.01 -14.87
N ASN A 30 -15.38 3.82 -16.13
CA ASN A 30 -15.40 2.51 -16.78
C ASN A 30 -13.98 2.03 -17.02
N GLU A 31 -13.67 0.85 -16.48
CA GLU A 31 -12.33 0.29 -16.65
C GLU A 31 -12.16 -0.28 -18.05
N ARG A 32 -10.98 -0.05 -18.64
CA ARG A 32 -10.57 -0.69 -19.88
C ARG A 32 -9.59 -1.84 -19.58
N VAL A 33 -9.86 -3.01 -20.17
CA VAL A 33 -9.12 -4.23 -19.89
C VAL A 33 -8.03 -4.39 -20.93
N ILE A 34 -6.80 -4.23 -20.50
CA ILE A 34 -5.61 -4.35 -21.33
C ILE A 34 -5.16 -5.80 -21.33
N ALA A 35 -4.74 -6.29 -22.50
CA ALA A 35 -4.35 -7.70 -22.64
C ALA A 35 -2.85 -7.90 -22.78
N THR A 36 -2.08 -6.82 -22.88
CA THR A 36 -0.65 -6.87 -23.17
C THR A 36 0.15 -6.24 -22.04
N PRO A 37 1.48 -6.38 -22.04
CA PRO A 37 2.30 -5.58 -21.11
C PRO A 37 2.06 -4.09 -21.31
N GLN A 38 2.38 -3.32 -20.29
CA GLN A 38 2.41 -1.88 -20.42
C GLN A 38 3.40 -1.48 -21.50
N GLY A 39 3.07 -0.45 -22.28
CA GLY A 39 3.89 -0.04 -23.40
C GLY A 39 3.31 1.20 -24.06
N ALA A 40 4.15 1.84 -24.88
CA ALA A 40 3.69 2.98 -25.66
C ALA A 40 2.57 2.59 -26.60
N ARG A 41 2.59 1.35 -27.06
CA ARG A 41 1.44 0.76 -27.72
C ARG A 41 0.96 -0.40 -26.87
N VAL A 42 -0.34 -0.67 -26.95
CA VAL A 42 -0.97 -1.62 -26.04
C VAL A 42 -2.21 -2.14 -26.75
N ARG A 43 -2.72 -3.29 -26.32
CA ARG A 43 -3.93 -3.85 -26.91
C ARG A 43 -4.92 -4.22 -25.83
N THR A 44 -6.17 -3.79 -26.00
CA THR A 44 -7.27 -4.17 -25.13
C THR A 44 -7.71 -5.60 -25.43
N THR A 45 -8.63 -6.12 -24.62
CA THR A 45 -9.07 -7.49 -24.83
C THR A 45 -9.88 -7.68 -26.10
N ASP A 46 -10.21 -6.60 -26.80
CA ASP A 46 -10.88 -6.71 -28.09
C ASP A 46 -9.90 -6.81 -29.25
N GLY A 47 -8.60 -6.84 -28.94
CA GLY A 47 -7.58 -7.00 -29.96
C GLY A 47 -7.15 -5.74 -30.65
N ARG A 48 -7.74 -4.59 -30.31
CA ARG A 48 -7.42 -3.34 -30.99
C ARG A 48 -6.16 -2.70 -30.38
N GLU A 49 -5.20 -2.38 -31.23
CA GLU A 49 -3.95 -1.78 -30.80
C GLU A 49 -4.09 -0.27 -30.81
N VAL A 50 -3.66 0.37 -29.71
CA VAL A 50 -3.85 1.79 -29.52
C VAL A 50 -2.60 2.37 -28.85
N ILE A 51 -2.40 3.67 -29.05
CA ILE A 51 -1.27 4.40 -28.48
C ILE A 51 -1.61 4.81 -27.04
N ASN A 52 -0.81 4.32 -26.09
CA ASN A 52 -1.01 4.67 -24.69
C ASN A 52 -0.33 6.00 -24.43
N LEU A 53 -1.13 7.03 -24.13
CA LEU A 53 -0.63 8.35 -23.76
C LEU A 53 -1.12 8.78 -22.38
N CYS A 54 -1.37 7.82 -21.49
CA CYS A 54 -1.88 8.17 -20.16
C CYS A 54 -1.30 7.25 -19.09
N ALA A 55 -0.04 6.85 -19.24
CA ALA A 55 0.62 6.01 -18.26
C ALA A 55 1.64 6.82 -17.46
N ASN A 56 1.86 6.39 -16.21
CA ASN A 56 2.96 6.92 -15.41
C ASN A 56 4.32 6.30 -15.80
N ASN A 57 4.34 5.53 -16.89
CA ASN A 57 5.55 4.83 -17.36
C ASN A 57 6.44 5.78 -18.17
N TYR A 58 6.81 6.89 -17.51
CA TYR A 58 7.50 8.01 -18.16
C TYR A 58 8.74 7.57 -18.92
N LEU A 59 9.54 6.68 -18.35
CA LEU A 59 10.81 6.28 -18.95
C LEU A 59 10.75 4.93 -19.63
N GLY A 60 9.56 4.36 -19.79
CA GLY A 60 9.47 3.08 -20.46
C GLY A 60 10.01 1.89 -19.70
N LEU A 61 10.28 2.05 -18.40
CA LEU A 61 10.84 0.99 -17.57
C LEU A 61 9.81 -0.06 -17.15
N SER A 62 8.52 0.18 -17.39
CA SER A 62 7.50 -0.73 -16.91
C SER A 62 7.58 -2.09 -17.58
N SER A 63 8.03 -2.14 -18.84
CA SER A 63 8.26 -3.38 -19.57
C SER A 63 9.67 -3.44 -20.14
N HIS A 64 10.57 -2.66 -19.61
CA HIS A 64 11.94 -2.67 -20.09
C HIS A 64 12.51 -4.08 -19.90
N PRO A 65 13.16 -4.67 -20.92
CA PRO A 65 13.58 -6.07 -20.80
C PRO A 65 14.72 -6.28 -19.82
N GLN A 66 15.51 -5.25 -19.52
CA GLN A 66 16.53 -5.42 -18.49
C GLN A 66 15.92 -5.34 -17.10
N VAL A 67 14.90 -4.50 -16.94
CA VAL A 67 14.14 -4.49 -15.69
C VAL A 67 13.37 -5.80 -15.55
N ILE A 68 12.74 -6.25 -16.64
CA ILE A 68 12.07 -7.54 -16.63
C ILE A 68 13.04 -8.65 -16.25
N GLU A 69 14.25 -8.65 -16.82
CA GLU A 69 15.15 -9.75 -16.54
C GLU A 69 15.65 -9.69 -15.09
N ALA A 70 15.78 -8.48 -14.53
CA ALA A 70 16.18 -8.40 -13.12
C ALA A 70 15.08 -8.93 -12.21
N ALA A 71 13.81 -8.80 -12.60
CA ALA A 71 12.74 -9.43 -11.82
C ALA A 71 12.84 -10.96 -11.89
N HIS A 72 13.14 -11.53 -13.07
CA HIS A 72 13.28 -12.98 -13.17
C HIS A 72 14.40 -13.49 -12.26
N GLU A 73 15.53 -12.77 -12.23
CA GLU A 73 16.69 -13.20 -11.47
C GLU A 73 16.51 -13.00 -9.97
N ALA A 74 15.74 -11.97 -9.57
CA ALA A 74 15.43 -11.82 -8.15
C ALA A 74 14.43 -12.86 -7.67
N LEU A 75 13.57 -13.35 -8.57
CA LEU A 75 12.71 -14.47 -8.20
C LEU A 75 13.53 -15.72 -8.00
N ARG A 76 14.53 -15.95 -8.86
CA ARG A 76 15.36 -17.15 -8.76
C ARG A 76 16.16 -17.13 -7.46
N THR A 77 16.82 -16.00 -7.18
CA THR A 77 17.70 -15.91 -6.03
C THR A 77 16.94 -15.69 -4.73
N HIS A 78 15.79 -14.99 -4.78
CA HIS A 78 15.18 -14.45 -3.57
C HIS A 78 13.69 -14.73 -3.42
N GLY A 79 13.09 -15.54 -4.29
CA GLY A 79 11.74 -16.02 -4.06
C GLY A 79 10.66 -15.06 -4.52
N PHE A 80 9.42 -15.47 -4.29
CA PHE A 80 8.27 -14.71 -4.80
C PHE A 80 7.77 -13.71 -3.76
N GLY A 81 7.40 -14.21 -2.58
CA GLY A 81 6.96 -13.34 -1.52
C GLY A 81 7.82 -13.45 -0.28
N LEU A 82 7.73 -12.45 0.59
CA LEU A 82 8.39 -12.56 1.88
C LEU A 82 7.40 -12.78 3.02
N SER A 83 6.15 -12.37 2.85
CA SER A 83 5.09 -12.60 3.84
C SER A 83 5.54 -12.18 5.22
N SER A 84 6.06 -10.97 5.32
CA SER A 84 6.47 -10.47 6.61
C SER A 84 6.70 -8.99 6.47
N VAL A 85 6.38 -8.24 7.54
CA VAL A 85 6.81 -6.86 7.69
C VAL A 85 8.32 -6.85 7.89
N ARG A 86 8.93 -5.66 7.76
CA ARG A 86 10.38 -5.55 7.72
C ARG A 86 11.04 -6.02 9.02
N PHE A 87 10.47 -5.66 10.17
CA PHE A 87 11.17 -5.92 11.42
C PHE A 87 11.11 -7.37 11.84
N ILE A 88 10.31 -8.21 11.19
CA ILE A 88 10.25 -9.62 11.57
C ILE A 88 11.18 -10.43 10.66
N CYS A 89 10.70 -10.93 9.52
CA CYS A 89 11.59 -11.59 8.56
C CYS A 89 11.28 -11.13 7.14
N GLY A 90 11.12 -9.82 6.98
CA GLY A 90 10.85 -9.26 5.67
C GLY A 90 11.95 -8.43 5.08
N THR A 91 13.09 -8.29 5.78
CA THR A 91 14.24 -7.55 5.28
C THR A 91 15.23 -8.50 4.63
N GLN A 92 15.34 -8.44 3.31
CA GLN A 92 16.40 -9.17 2.63
C GLN A 92 17.58 -8.21 2.39
N ASP A 93 18.72 -8.78 1.93
CA ASP A 93 19.82 -7.89 1.54
C ASP A 93 19.39 -6.93 0.45
N LEU A 94 18.43 -7.33 -0.38
CA LEU A 94 18.01 -6.47 -1.49
C LEU A 94 17.43 -5.16 -0.98
N HIS A 95 16.59 -5.23 0.05
CA HIS A 95 15.97 -4.03 0.59
C HIS A 95 17.02 -3.04 1.11
N LYS A 96 18.08 -3.55 1.76
CA LYS A 96 19.12 -2.65 2.30
C LYS A 96 19.93 -2.01 1.17
N THR A 97 20.26 -2.81 0.14
CA THR A 97 20.94 -2.29 -1.04
C THR A 97 20.11 -1.21 -1.73
N LEU A 98 18.85 -1.51 -2.00
CA LEU A 98 17.99 -0.54 -2.68
C LEU A 98 17.88 0.74 -1.86
N GLU A 99 17.76 0.62 -0.54
CA GLU A 99 17.62 1.84 0.25
C GLU A 99 18.90 2.68 0.19
N ALA A 100 20.07 2.03 0.24
CA ALA A 100 21.33 2.73 0.01
C ALA A 100 21.37 3.41 -1.36
N ARG A 101 20.92 2.70 -2.41
CA ARG A 101 21.00 3.28 -3.76
C ARG A 101 20.01 4.43 -3.95
N LEU A 102 18.80 4.33 -3.39
CA LEU A 102 17.87 5.45 -3.49
C LEU A 102 18.38 6.67 -2.72
N SER A 103 19.05 6.47 -1.59
CA SER A 103 19.52 7.62 -0.82
C SER A 103 20.63 8.35 -1.57
N ALA A 104 21.51 7.59 -2.24
CA ALA A 104 22.56 8.23 -3.03
C ALA A 104 21.95 8.92 -4.24
N PHE A 105 21.05 8.23 -4.94
CA PHE A 105 20.36 8.82 -6.08
C PHE A 105 19.71 10.14 -5.71
N LEU A 106 19.07 10.22 -4.53
CA LEU A 106 18.25 11.35 -4.15
C LEU A 106 18.99 12.41 -3.34
N GLY A 107 20.20 12.12 -2.90
CA GLY A 107 20.94 13.09 -2.12
C GLY A 107 20.61 13.12 -0.65
N THR A 108 20.13 12.01 -0.09
CA THR A 108 19.73 11.95 1.30
C THR A 108 20.60 10.96 2.04
N GLU A 109 20.50 11.00 3.36
CA GLU A 109 21.32 10.12 4.18
C GLU A 109 20.81 8.70 4.12
N ASP A 110 19.51 8.49 4.24
CA ASP A 110 18.94 7.14 4.35
C ASP A 110 17.59 7.09 3.66
N THR A 111 16.97 5.91 3.66
CA THR A 111 15.74 5.67 2.93
C THR A 111 15.02 4.47 3.52
N ILE A 112 13.69 4.57 3.59
CA ILE A 112 12.85 3.53 4.16
C ILE A 112 11.80 3.15 3.12
N LEU A 113 11.71 1.86 2.83
CA LEU A 113 10.79 1.37 1.81
C LEU A 113 9.40 1.15 2.41
N TYR A 114 8.39 1.46 1.60
CA TYR A 114 7.00 1.21 1.92
C TYR A 114 6.37 0.43 0.77
N GLY A 115 5.17 -0.11 1.04
CA GLY A 115 4.45 -0.84 0.02
C GLY A 115 3.99 0.05 -1.12
N SER A 116 3.76 1.33 -0.85
CA SER A 116 3.34 2.27 -1.88
C SER A 116 3.78 3.66 -1.45
N ALA A 117 3.83 4.60 -2.41
CA ALA A 117 3.95 5.99 -2.00
C ALA A 117 2.76 6.42 -1.14
N PHE A 118 1.57 5.89 -1.46
CA PHE A 118 0.39 6.17 -0.64
C PHE A 118 0.66 5.93 0.84
N ASP A 119 1.35 4.83 1.17
CA ASP A 119 1.59 4.48 2.57
C ASP A 119 2.78 5.22 3.16
N ALA A 120 3.75 5.61 2.33
CA ALA A 120 4.81 6.49 2.81
C ALA A 120 4.24 7.79 3.32
N ASN A 121 3.38 8.44 2.53
CA ASN A 121 2.66 9.62 3.01
C ASN A 121 1.75 9.27 4.18
N GLY A 122 1.09 8.11 4.12
CA GLY A 122 0.22 7.70 5.20
C GLY A 122 0.93 7.63 6.54
N GLY A 123 2.13 7.06 6.56
CA GLY A 123 2.83 6.89 7.81
C GLY A 123 3.90 7.92 8.13
N LEU A 124 3.86 9.10 7.49
CA LEU A 124 4.93 10.08 7.67
C LEU A 124 4.64 11.08 8.81
N PHE A 125 3.53 11.81 8.68
CA PHE A 125 3.28 12.94 9.56
C PHE A 125 2.99 12.53 11.01
N GLU A 126 2.21 11.46 11.20
CA GLU A 126 1.86 11.03 12.55
C GLU A 126 3.09 10.55 13.33
N THR A 127 4.10 10.06 12.63
CA THR A 127 5.32 9.59 13.27
C THR A 127 6.23 10.76 13.66
N LEU A 128 6.30 11.80 12.83
CA LEU A 128 7.28 12.88 13.03
C LEU A 128 6.72 14.10 13.74
N LEU A 129 5.42 14.30 13.76
CA LEU A 129 4.85 15.54 14.26
C LEU A 129 3.83 15.25 15.34
N GLY A 130 3.55 16.27 16.15
CA GLY A 130 2.61 16.16 17.24
C GLY A 130 1.63 17.33 17.26
N ALA A 131 0.80 17.35 18.31
CA ALA A 131 -0.24 18.37 18.42
C ALA A 131 0.34 19.76 18.44
N GLU A 132 1.55 19.90 19.00
CA GLU A 132 2.24 21.18 19.09
C GLU A 132 2.83 21.65 17.76
N ASP A 133 2.85 20.79 16.74
CA ASP A 133 3.50 21.06 15.47
C ASP A 133 2.47 21.37 14.38
N ALA A 134 2.96 21.96 13.28
CA ALA A 134 2.15 22.38 12.15
C ALA A 134 2.68 21.81 10.85
N VAL A 135 1.77 21.35 10.00
CA VAL A 135 2.09 21.01 8.61
C VAL A 135 1.30 21.96 7.71
N ILE A 136 1.95 22.44 6.65
CA ILE A 136 1.43 23.50 5.78
C ILE A 136 1.51 22.99 4.36
N SER A 137 0.37 22.70 3.75
CA SER A 137 0.30 22.00 2.48
C SER A 137 -0.07 22.96 1.37
N ASP A 138 0.56 22.78 0.21
CA ASP A 138 0.00 23.31 -1.01
C ASP A 138 -1.42 22.78 -1.17
N ALA A 139 -2.37 23.68 -1.43
CA ALA A 139 -3.78 23.32 -1.53
C ALA A 139 -4.06 22.18 -2.52
N LEU A 140 -3.17 21.93 -3.48
CA LEU A 140 -3.41 20.88 -4.47
C LEU A 140 -2.69 19.58 -4.14
N ASN A 141 -2.32 19.37 -2.87
CA ASN A 141 -1.51 18.21 -2.51
C ASN A 141 -2.26 16.90 -2.79
N HIS A 142 -1.50 15.90 -3.20
CA HIS A 142 -2.04 14.58 -3.48
C HIS A 142 -2.82 14.03 -2.29
N ALA A 143 -3.86 13.24 -2.61
CA ALA A 143 -4.74 12.66 -1.61
C ALA A 143 -3.97 11.88 -0.55
N SER A 144 -2.90 11.17 -0.93
CA SER A 144 -2.17 10.41 0.08
C SER A 144 -1.56 11.34 1.12
N ILE A 145 -1.14 12.54 0.71
CA ILE A 145 -0.59 13.51 1.64
C ILE A 145 -1.66 13.98 2.61
N ILE A 146 -2.83 14.38 2.08
CA ILE A 146 -3.93 14.85 2.94
C ILE A 146 -4.29 13.78 3.98
N ASP A 147 -4.30 12.51 3.57
CA ASP A 147 -4.75 11.50 4.52
C ASP A 147 -3.68 11.21 5.56
N GLY A 148 -2.40 11.21 5.15
CA GLY A 148 -1.33 11.13 6.13
C GLY A 148 -1.38 12.26 7.15
N VAL A 149 -1.66 13.49 6.68
CA VAL A 149 -1.78 14.62 7.59
C VAL A 149 -3.00 14.45 8.51
N ARG A 150 -4.14 13.99 7.95
CA ARG A 150 -5.34 13.75 8.76
C ARG A 150 -5.11 12.71 9.85
N LEU A 151 -4.26 11.73 9.60
CA LEU A 151 -3.91 10.77 10.64
C LEU A 151 -2.93 11.33 11.68
N SER A 152 -2.30 12.47 11.44
CA SER A 152 -1.42 13.07 12.42
C SER A 152 -2.21 13.99 13.34
N LYS A 153 -1.62 14.32 14.48
CA LYS A 153 -2.23 15.26 15.41
C LYS A 153 -1.86 16.71 15.11
N ALA A 154 -1.09 16.96 14.04
CA ALA A 154 -0.56 18.29 13.78
C ALA A 154 -1.66 19.29 13.44
N ARG A 155 -1.31 20.57 13.59
CA ARG A 155 -2.14 21.67 13.16
C ARG A 155 -1.96 21.89 11.67
N ARG A 156 -3.06 22.10 10.97
CA ARG A 156 -3.07 22.07 9.51
C ARG A 156 -3.23 23.47 8.94
N TYR A 157 -2.47 23.74 7.89
CA TYR A 157 -2.60 24.97 7.13
C TYR A 157 -2.55 24.61 5.66
N ARG A 158 -3.36 25.29 4.85
CA ARG A 158 -3.33 25.14 3.41
C ARG A 158 -2.99 26.49 2.80
N TYR A 159 -2.11 26.49 1.80
CA TYR A 159 -1.83 27.70 1.04
C TYR A 159 -2.23 27.48 -0.41
N GLN A 160 -2.75 28.54 -1.04
CA GLN A 160 -3.20 28.49 -2.43
C GLN A 160 -2.11 27.94 -3.35
N HIS A 161 -2.55 27.24 -4.37
CA HIS A 161 -1.67 26.46 -5.25
C HIS A 161 -0.52 27.30 -5.80
N ASN A 162 0.70 26.83 -5.54
CA ASN A 162 1.95 27.45 -5.98
C ASN A 162 2.07 28.92 -5.54
N ASP A 163 1.22 29.36 -4.62
CA ASP A 163 1.16 30.76 -4.20
C ASP A 163 2.18 31.01 -3.09
N MET A 164 3.35 31.52 -3.46
CA MET A 164 4.40 31.74 -2.47
C MET A 164 4.00 32.82 -1.46
N ASP A 165 3.12 33.74 -1.84
CA ASP A 165 2.67 34.75 -0.88
C ASP A 165 1.75 34.14 0.15
N ASP A 166 0.79 33.32 -0.29
CA ASP A 166 -0.06 32.61 0.66
C ASP A 166 0.75 31.64 1.51
N LEU A 167 1.86 31.09 0.98
CA LEU A 167 2.71 30.25 1.82
C LEU A 167 3.31 31.06 2.97
N ARG A 168 3.79 32.27 2.67
CA ARG A 168 4.29 33.16 3.72
C ARG A 168 3.19 33.53 4.70
N VAL A 169 1.97 33.75 4.20
CA VAL A 169 0.83 34.08 5.05
C VAL A 169 0.55 32.98 6.05
N GLN A 170 0.59 31.72 5.57
CA GLN A 170 0.26 30.58 6.42
C GLN A 170 1.33 30.34 7.46
N LEU A 171 2.60 30.46 7.06
CA LEU A 171 3.70 30.27 8.01
C LEU A 171 3.68 31.34 9.10
N GLU A 172 3.11 32.51 8.79
CA GLU A 172 2.95 33.55 9.80
C GLU A 172 1.86 33.17 10.77
N GLN A 173 0.72 32.73 10.24
CA GLN A 173 -0.38 32.31 11.10
C GLN A 173 0.02 31.10 11.94
N ALA A 174 0.79 30.17 11.36
CA ALA A 174 1.24 29.00 12.10
C ALA A 174 2.19 29.39 13.21
N ARG A 175 3.13 30.31 12.93
CA ARG A 175 4.00 30.78 14.00
C ARG A 175 3.23 31.58 15.04
N ALA A 176 2.32 32.44 14.58
CA ALA A 176 1.44 33.15 15.49
C ALA A 176 0.68 32.17 16.38
N ASP A 177 0.15 31.10 15.79
CA ASP A 177 -0.58 30.08 16.53
C ASP A 177 0.28 29.32 17.52
N GLY A 178 1.58 29.57 17.57
CA GLY A 178 2.45 28.89 18.51
C GLY A 178 3.05 27.59 18.05
N ALA A 179 3.13 27.34 16.73
CA ALA A 179 3.74 26.12 16.21
C ALA A 179 5.13 25.90 16.80
N ARG A 180 5.41 24.65 17.17
CA ARG A 180 6.75 24.27 17.61
C ARG A 180 7.63 23.97 16.40
N TYR A 181 7.46 22.81 15.78
CA TYR A 181 8.11 22.54 14.50
C TYR A 181 7.08 22.66 13.39
N THR A 182 7.54 23.11 12.22
CA THR A 182 6.66 23.39 11.10
C THR A 182 7.23 22.73 9.85
N LEU A 183 6.42 21.91 9.18
CA LEU A 183 6.81 21.21 7.96
C LEU A 183 5.96 21.74 6.80
N VAL A 184 6.63 22.30 5.80
CA VAL A 184 5.99 22.70 4.55
C VAL A 184 6.04 21.51 3.61
N PHE A 185 4.90 21.15 3.05
CA PHE A 185 4.82 19.92 2.27
C PHE A 185 4.03 20.11 1.00
N SER A 186 4.55 19.53 -0.09
CA SER A 186 3.97 19.74 -1.41
C SER A 186 4.38 18.63 -2.37
N ASP A 187 3.52 18.37 -3.35
CA ASP A 187 3.95 17.59 -4.51
C ASP A 187 5.15 18.30 -5.12
N GLY A 188 6.16 17.52 -5.50
CA GLY A 188 7.25 18.07 -6.29
C GLY A 188 6.71 18.49 -7.64
N VAL A 189 6.06 17.56 -8.33
CA VAL A 189 5.32 17.79 -9.55
C VAL A 189 3.89 17.36 -9.29
N PHE A 190 2.92 18.21 -9.66
CA PHE A 190 1.54 17.96 -9.28
C PHE A 190 0.85 16.97 -10.20
N SER A 191 0.14 16.02 -9.59
CA SER A 191 -0.45 14.87 -10.29
C SER A 191 -1.31 15.31 -11.46
N MET A 192 -2.14 16.35 -11.26
CA MET A 192 -3.26 16.61 -12.15
C MET A 192 -3.05 17.78 -13.10
N ASP A 193 -2.12 18.70 -12.82
CA ASP A 193 -1.92 19.83 -13.71
C ASP A 193 -0.50 19.97 -14.22
N GLY A 194 0.42 19.10 -13.80
CA GLY A 194 1.77 19.09 -14.33
C GLY A 194 2.69 20.16 -13.79
N THR A 195 2.18 21.17 -13.08
CA THR A 195 3.02 22.28 -12.64
C THR A 195 4.08 21.77 -11.67
N VAL A 196 5.16 22.54 -11.59
CA VAL A 196 6.35 22.15 -10.83
C VAL A 196 6.46 23.07 -9.63
N ALA A 197 6.43 22.50 -8.43
CA ALA A 197 6.53 23.31 -7.22
C ALA A 197 7.78 24.18 -7.27
N ARG A 198 7.67 25.38 -6.68
CA ARG A 198 8.73 26.37 -6.69
C ARG A 198 9.64 26.15 -5.49
N LEU A 199 10.36 25.02 -5.55
CA LEU A 199 11.15 24.57 -4.40
C LEU A 199 12.28 25.53 -4.06
N ASP A 200 12.86 26.21 -5.05
CA ASP A 200 13.92 27.15 -4.73
C ASP A 200 13.38 28.28 -3.86
N GLU A 201 12.25 28.86 -4.28
CA GLU A 201 11.59 29.87 -3.46
C GLU A 201 11.16 29.31 -2.10
N MET A 202 10.61 28.08 -2.08
CA MET A 202 10.12 27.50 -0.83
C MET A 202 11.26 27.16 0.11
N ARG A 203 12.40 26.71 -0.41
CA ARG A 203 13.55 26.53 0.45
C ARG A 203 13.93 27.84 1.13
N ALA A 204 13.91 28.94 0.38
CA ALA A 204 14.23 30.25 0.96
C ALA A 204 13.21 30.65 2.03
N ILE A 205 11.93 30.52 1.72
CA ILE A 205 10.88 30.86 2.68
C ILE A 205 10.99 30.00 3.94
N CYS A 206 11.26 28.70 3.78
CA CYS A 206 11.37 27.79 4.92
C CYS A 206 12.52 28.19 5.84
N ASP A 207 13.70 28.37 5.28
CA ASP A 207 14.85 28.84 6.06
C ASP A 207 14.50 30.10 6.86
N GLU A 208 13.82 31.06 6.22
CA GLU A 208 13.47 32.30 6.92
C GLU A 208 12.66 32.02 8.18
N TYR A 209 11.66 31.14 8.09
CA TYR A 209 10.86 30.78 9.25
C TYR A 209 11.43 29.62 10.05
N GLY A 210 12.47 28.94 9.56
CA GLY A 210 12.97 27.76 10.25
C GLY A 210 12.08 26.53 10.12
N ALA A 211 11.38 26.38 9.00
CA ALA A 211 10.48 25.28 8.76
C ALA A 211 11.17 24.20 7.95
N LEU A 212 10.73 22.95 8.15
CA LEU A 212 11.23 21.87 7.32
C LEU A 212 10.54 21.91 5.96
N LEU A 213 11.21 21.36 4.94
CA LEU A 213 10.67 21.28 3.58
C LEU A 213 10.60 19.83 3.12
N GLY A 214 9.40 19.34 2.89
CA GLY A 214 9.18 17.97 2.42
C GLY A 214 8.48 18.01 1.07
N ILE A 215 8.83 17.06 0.20
CA ILE A 215 8.25 16.96 -1.13
C ILE A 215 7.87 15.53 -1.48
N ASP A 216 6.88 15.41 -2.36
CA ASP A 216 6.37 14.14 -2.86
C ASP A 216 6.71 14.07 -4.33
N GLU A 217 7.58 13.14 -4.69
CA GLU A 217 8.29 13.17 -5.97
C GLU A 217 7.79 12.14 -6.97
N CYS A 218 6.59 11.58 -6.77
CA CYS A 218 6.09 10.51 -7.64
C CYS A 218 6.16 10.87 -9.11
N HIS A 219 5.93 12.13 -9.44
CA HIS A 219 5.93 12.58 -10.83
C HIS A 219 7.19 13.37 -11.16
N ALA A 220 8.27 13.09 -10.47
CA ALA A 220 9.55 13.68 -10.81
C ALA A 220 10.70 12.68 -10.84
N THR A 221 10.72 11.69 -9.93
CA THR A 221 11.90 10.84 -9.75
C THR A 221 12.23 10.02 -11.00
N GLY A 222 13.44 10.17 -11.50
CA GLY A 222 13.89 9.48 -12.70
C GLY A 222 14.09 10.37 -13.91
N PHE A 223 13.36 11.50 -14.00
CA PHE A 223 13.44 12.33 -15.21
C PHE A 223 13.50 13.83 -14.96
N MET A 224 12.89 14.36 -13.90
CA MET A 224 13.01 15.78 -13.63
C MET A 224 14.44 16.11 -13.22
N GLY A 225 14.95 17.21 -13.77
CA GLY A 225 16.35 17.55 -13.55
C GLY A 225 17.26 16.89 -14.56
N GLN A 226 18.31 17.60 -14.96
CA GLN A 226 19.29 17.16 -15.93
C GLN A 226 19.67 15.67 -15.81
N ARG A 227 19.76 15.17 -14.57
CA ARG A 227 20.11 13.78 -14.31
C ARG A 227 18.93 12.94 -13.81
N GLY A 228 17.70 13.45 -13.94
CA GLY A 228 16.53 12.71 -13.51
C GLY A 228 16.49 12.40 -12.03
N ARG A 229 17.10 13.24 -11.20
CA ARG A 229 17.10 12.97 -9.76
C ARG A 229 15.83 13.48 -9.09
N GLY A 230 15.25 14.54 -9.63
CA GLY A 230 13.91 14.93 -9.24
C GLY A 230 13.76 16.44 -9.26
N THR A 231 12.54 16.87 -8.88
CA THR A 231 12.18 18.29 -8.86
C THR A 231 13.21 19.12 -8.10
N HIS A 232 13.75 18.58 -7.00
CA HIS A 232 14.71 19.35 -6.22
C HIS A 232 16.02 19.56 -6.98
N GLU A 233 16.42 18.60 -7.81
CA GLU A 233 17.55 18.86 -8.71
C GLU A 233 17.20 19.95 -9.71
N ALA A 234 16.05 19.83 -10.37
CA ALA A 234 15.67 20.85 -11.35
C ALA A 234 15.53 22.24 -10.74
N ARG A 235 15.25 22.35 -9.44
CA ARG A 235 15.10 23.64 -8.80
C ARG A 235 16.39 24.12 -8.14
N GLY A 236 17.50 23.42 -8.32
CA GLY A 236 18.75 23.83 -7.72
C GLY A 236 18.86 23.59 -6.23
N VAL A 237 18.00 22.75 -5.64
CA VAL A 237 18.02 22.56 -4.20
C VAL A 237 18.30 21.11 -3.85
N PHE A 238 18.99 20.40 -4.74
CA PHE A 238 19.41 19.04 -4.43
C PHE A 238 20.31 19.04 -3.21
N GLY A 239 20.06 18.09 -2.31
CA GLY A 239 20.76 18.04 -1.05
C GLY A 239 20.24 19.01 0.00
N LYS A 240 19.19 19.76 -0.32
CA LYS A 240 18.64 20.78 0.57
C LYS A 240 17.21 20.47 0.98
N ILE A 241 16.77 19.22 0.88
CA ILE A 241 15.39 18.82 1.09
C ILE A 241 15.31 17.97 2.35
N ASP A 242 14.39 18.34 3.24
CA ASP A 242 14.27 17.63 4.52
C ASP A 242 13.68 16.23 4.33
N ILE A 243 12.61 16.12 3.55
CA ILE A 243 11.90 14.86 3.41
C ILE A 243 11.48 14.69 1.96
N ILE A 244 11.86 13.57 1.36
CA ILE A 244 11.35 13.16 0.07
C ILE A 244 10.52 11.89 0.29
N THR A 245 9.26 11.93 -0.10
CA THR A 245 8.49 10.70 -0.26
C THR A 245 8.28 10.47 -1.76
N GLY A 246 8.13 9.21 -2.14
CA GLY A 246 8.06 8.89 -3.55
C GLY A 246 7.55 7.49 -3.78
N THR A 247 7.44 7.14 -5.06
CA THR A 247 6.93 5.86 -5.51
C THR A 247 7.98 5.18 -6.38
N LEU A 248 7.98 3.84 -6.32
CA LEU A 248 8.65 2.99 -7.29
C LEU A 248 7.73 2.64 -8.45
N GLY A 249 6.46 3.04 -8.37
CA GLY A 249 5.42 2.60 -9.28
C GLY A 249 5.11 3.54 -10.43
N ALA A 250 5.94 4.55 -10.67
CA ALA A 250 5.76 5.48 -11.76
C ALA A 250 6.93 5.28 -12.70
N ALA A 251 7.92 6.18 -12.74
CA ALA A 251 9.00 6.08 -13.71
C ALA A 251 10.05 5.02 -13.34
N LEU A 252 10.09 4.57 -12.09
CA LEU A 252 11.16 3.74 -11.57
C LEU A 252 10.83 2.25 -11.61
N GLY A 253 9.97 1.82 -12.53
CA GLY A 253 9.65 0.41 -12.68
C GLY A 253 8.18 0.13 -12.86
N GLY A 254 7.33 0.85 -12.11
CA GLY A 254 5.89 0.80 -12.30
C GLY A 254 5.19 -0.37 -11.66
N ALA A 255 5.90 -1.22 -10.96
CA ALA A 255 5.25 -2.42 -10.43
C ALA A 255 4.60 -2.17 -9.07
N SER A 256 5.37 -1.73 -8.09
CA SER A 256 4.82 -1.53 -6.75
C SER A 256 5.91 -0.91 -5.90
N GLY A 257 5.51 -0.38 -4.75
CA GLY A 257 6.49 0.07 -3.79
C GLY A 257 6.59 1.60 -3.73
N GLY A 258 7.05 2.07 -2.58
CA GLY A 258 7.29 3.49 -2.37
C GLY A 258 8.40 3.70 -1.36
N PHE A 259 8.63 4.94 -0.93
CA PHE A 259 9.75 5.19 -0.04
C PHE A 259 9.63 6.57 0.60
N THR A 260 10.30 6.72 1.74
CA THR A 260 10.59 8.02 2.33
C THR A 260 12.11 8.15 2.46
N SER A 261 12.63 9.27 1.97
CA SER A 261 14.07 9.51 1.99
C SER A 261 14.33 10.78 2.78
N ALA A 262 15.24 10.71 3.74
CA ALA A 262 15.44 11.78 4.71
C ALA A 262 16.78 11.58 5.42
N ARG A 263 17.07 12.45 6.41
CA ARG A 263 18.24 12.25 7.24
C ARG A 263 18.11 10.93 8.00
N LYS A 264 19.25 10.43 8.47
CA LYS A 264 19.27 9.10 9.07
C LYS A 264 18.33 9.02 10.25
N GLU A 265 18.31 10.04 11.10
CA GLU A 265 17.51 9.90 12.32
C GLU A 265 16.01 9.96 12.01
N VAL A 266 15.61 10.71 10.98
CA VAL A 266 14.20 10.70 10.60
C VAL A 266 13.82 9.30 10.11
N VAL A 267 14.63 8.75 9.20
CA VAL A 267 14.36 7.40 8.69
C VAL A 267 14.33 6.39 9.83
N ALA A 268 15.22 6.55 10.81
CA ALA A 268 15.28 5.58 11.90
C ALA A 268 14.03 5.60 12.76
N LEU A 269 13.46 6.78 13.02
CA LEU A 269 12.21 6.83 13.78
C LEU A 269 11.06 6.22 12.98
N LEU A 270 11.06 6.40 11.66
CA LEU A 270 10.01 5.80 10.83
C LEU A 270 10.03 4.27 10.90
N ARG A 271 11.21 3.64 10.94
CA ARG A 271 11.22 2.18 11.08
C ARG A 271 10.71 1.75 12.45
N GLN A 272 10.99 2.53 13.48
CA GLN A 272 10.56 2.14 14.81
C GLN A 272 9.08 2.42 15.05
N ARG A 273 8.49 3.37 14.33
CA ARG A 273 7.19 3.93 14.74
C ARG A 273 6.15 4.09 13.64
N SER A 274 6.53 4.06 12.36
CA SER A 274 5.59 4.36 11.29
C SER A 274 4.63 3.17 11.08
N ARG A 275 3.33 3.46 11.11
CA ARG A 275 2.38 2.35 11.19
C ARG A 275 2.37 1.43 9.96
N PRO A 276 2.37 1.95 8.72
CA PRO A 276 2.48 1.04 7.57
C PRO A 276 3.77 0.22 7.55
N TYR A 277 4.87 0.72 8.09
CA TYR A 277 6.09 -0.07 8.10
C TYR A 277 6.02 -1.19 9.13
N LEU A 278 5.32 -0.96 10.26
CA LEU A 278 5.25 -1.96 11.31
C LEU A 278 4.19 -3.01 11.02
N PHE A 279 3.18 -2.65 10.25
CA PHE A 279 1.95 -3.43 10.17
C PHE A 279 1.55 -3.78 8.75
N SER A 280 2.44 -3.58 7.77
CA SER A 280 2.09 -3.94 6.40
C SER A 280 3.30 -4.61 5.74
N ASN A 281 3.02 -5.45 4.75
CA ASN A 281 4.04 -6.31 4.15
C ASN A 281 5.20 -5.52 3.54
N THR A 282 6.39 -6.09 3.63
CA THR A 282 7.57 -5.62 2.91
C THR A 282 7.37 -5.69 1.39
N VAL A 283 8.14 -4.86 0.68
CA VAL A 283 8.11 -4.90 -0.78
C VAL A 283 8.59 -6.28 -1.27
N ALA A 284 7.95 -6.80 -2.30
CA ALA A 284 8.26 -8.14 -2.77
C ALA A 284 9.68 -8.19 -3.34
N PRO A 285 10.38 -9.32 -3.18
CA PRO A 285 11.79 -9.40 -3.63
C PRO A 285 12.01 -9.05 -5.10
N ALA A 286 11.23 -9.62 -6.00
CA ALA A 286 11.39 -9.30 -7.41
C ALA A 286 11.25 -7.81 -7.68
N ILE A 287 10.42 -7.12 -6.89
CA ILE A 287 10.29 -5.67 -7.04
C ILE A 287 11.57 -4.96 -6.63
N VAL A 288 12.05 -5.23 -5.41
CA VAL A 288 13.25 -4.58 -4.93
C VAL A 288 14.42 -4.85 -5.86
N GLY A 289 14.52 -6.09 -6.37
CA GLY A 289 15.62 -6.42 -7.25
C GLY A 289 15.58 -5.65 -8.55
N ALA A 290 14.39 -5.51 -9.13
CA ALA A 290 14.26 -4.78 -10.38
C ALA A 290 14.48 -3.29 -10.16
N SER A 291 14.20 -2.80 -8.97
CA SER A 291 14.41 -1.39 -8.69
C SER A 291 15.90 -1.06 -8.66
N ILE A 292 16.71 -2.00 -8.17
CA ILE A 292 18.17 -1.82 -8.22
C ILE A 292 18.66 -1.81 -9.67
N ALA A 293 18.08 -2.66 -10.52
CA ALA A 293 18.42 -2.60 -11.94
C ALA A 293 18.00 -1.27 -12.55
N VAL A 294 16.86 -0.69 -12.11
CA VAL A 294 16.40 0.58 -12.64
C VAL A 294 17.38 1.69 -12.29
N LEU A 295 17.94 1.66 -11.08
CA LEU A 295 18.92 2.67 -10.70
C LEU A 295 20.22 2.53 -11.49
N ASP A 296 20.64 1.29 -11.81
CA ASP A 296 21.81 1.12 -12.66
C ASP A 296 21.56 1.74 -14.04
N ILE A 297 20.36 1.56 -14.58
CA ILE A 297 20.05 2.06 -15.91
C ILE A 297 20.14 3.58 -15.94
N LEU A 298 19.55 4.22 -14.94
CA LEU A 298 19.40 5.67 -14.93
C LEU A 298 20.66 6.39 -14.50
N GLU A 299 21.52 5.72 -13.74
CA GLU A 299 22.80 6.33 -13.38
C GLU A 299 23.87 6.09 -14.45
N ALA A 300 23.57 5.25 -15.43
CA ALA A 300 24.53 4.98 -16.50
C ALA A 300 24.39 5.93 -17.67
N SER A 301 23.22 6.55 -17.83
CA SER A 301 22.94 7.38 -19.00
C SER A 301 21.65 8.16 -18.79
N THR A 302 21.65 9.45 -19.13
CA THR A 302 20.43 10.25 -19.08
C THR A 302 19.63 10.16 -20.37
N GLU A 303 19.90 9.17 -21.21
CA GLU A 303 19.27 9.10 -22.53
C GLU A 303 17.76 9.03 -22.41
N LEU A 304 17.25 8.19 -21.50
CA LEU A 304 15.80 8.02 -21.40
C LEU A 304 15.13 9.31 -20.93
N ARG A 305 15.74 9.93 -19.92
CA ARG A 305 15.32 11.25 -19.46
C ARG A 305 15.28 12.24 -20.63
N ASP A 306 16.40 12.37 -21.36
CA ASP A 306 16.50 13.31 -22.48
C ASP A 306 15.47 13.03 -23.55
N ARG A 307 15.30 11.75 -23.88
CA ARG A 307 14.30 11.37 -24.87
C ARG A 307 12.92 11.83 -24.43
N LEU A 308 12.59 11.64 -23.14
CA LEU A 308 11.29 12.07 -22.64
C LEU A 308 11.10 13.57 -22.83
N GLU A 309 12.07 14.37 -22.37
CA GLU A 309 11.97 15.81 -22.53
C GLU A 309 11.84 16.22 -23.99
N GLY A 310 12.51 15.49 -24.89
CA GLY A 310 12.37 15.68 -26.33
C GLY A 310 10.98 15.40 -26.86
N ASN A 311 10.49 14.16 -26.66
CA ASN A 311 9.13 13.83 -27.06
C ASN A 311 8.12 14.81 -26.48
N THR A 312 8.32 15.18 -25.22
CA THR A 312 7.44 16.13 -24.57
C THR A 312 7.46 17.47 -25.28
N ARG A 313 8.67 18.00 -25.52
CA ARG A 313 8.77 19.27 -26.22
C ARG A 313 8.14 19.20 -27.60
N PHE A 314 8.27 18.06 -28.27
CA PHE A 314 7.63 17.89 -29.56
C PHE A 314 6.12 17.89 -29.42
N PHE A 315 5.58 16.94 -28.65
CA PHE A 315 4.13 16.79 -28.54
C PHE A 315 3.46 18.02 -27.94
N ARG A 316 4.19 18.84 -27.18
CA ARG A 316 3.58 20.03 -26.61
C ARG A 316 3.45 21.12 -27.67
N ALA A 317 4.54 21.38 -28.41
CA ALA A 317 4.46 22.25 -29.56
C ALA A 317 3.33 21.84 -30.50
N GLY A 318 3.21 20.53 -30.74
CA GLY A 318 2.17 20.03 -31.63
C GLY A 318 0.77 20.43 -31.18
N LEU A 319 0.48 20.27 -29.88
CA LEU A 319 -0.83 20.63 -29.37
C LEU A 319 -1.03 22.14 -29.34
N ASP A 320 0.03 22.91 -29.10
CA ASP A 320 -0.05 24.35 -29.24
C ASP A 320 -0.49 24.74 -30.64
N ARG A 321 0.24 24.24 -31.65
CA ARG A 321 -0.04 24.56 -33.05
C ARG A 321 -1.50 24.25 -33.41
N LEU A 322 -2.09 23.22 -32.81
CA LEU A 322 -3.43 22.82 -33.17
C LEU A 322 -4.52 23.68 -32.50
N GLY A 323 -4.14 24.57 -31.59
CA GLY A 323 -5.11 25.38 -30.89
C GLY A 323 -5.56 24.87 -29.54
N PHE A 324 -5.05 23.71 -29.10
CA PHE A 324 -5.27 23.29 -27.73
C PHE A 324 -4.57 24.25 -26.79
N ASP A 325 -5.11 24.36 -25.57
CA ASP A 325 -4.51 25.24 -24.57
C ASP A 325 -3.52 24.42 -23.75
N VAL A 326 -2.31 24.29 -24.29
CA VAL A 326 -1.18 23.68 -23.59
C VAL A 326 0.02 24.62 -23.75
N LYS A 327 0.75 24.83 -22.65
CA LYS A 327 1.78 25.87 -22.62
C LYS A 327 2.84 25.64 -23.69
N ALA A 328 3.16 24.37 -23.96
CA ALA A 328 4.14 23.97 -24.97
C ALA A 328 5.56 24.32 -24.56
N GLY A 329 6.12 23.53 -23.64
CA GLY A 329 7.53 23.52 -23.26
C GLY A 329 7.92 22.10 -22.90
N ASP A 330 8.48 21.88 -21.70
CA ASP A 330 8.52 20.54 -21.14
C ASP A 330 7.70 20.50 -19.85
N HIS A 331 7.28 19.28 -19.49
CA HIS A 331 6.30 18.86 -18.49
C HIS A 331 5.63 17.63 -19.08
N PRO A 332 6.02 16.41 -18.70
CA PRO A 332 5.43 15.22 -19.34
C PRO A 332 3.93 15.06 -19.08
N ILE A 333 3.39 15.71 -18.06
CA ILE A 333 1.96 15.71 -17.81
C ILE A 333 1.37 16.87 -18.59
N ILE A 334 0.60 16.56 -19.62
CA ILE A 334 -0.04 17.61 -20.40
C ILE A 334 -1.53 17.58 -20.12
N PRO A 335 -2.03 18.50 -19.29
CA PRO A 335 -3.46 18.48 -18.93
C PRO A 335 -4.26 19.24 -19.98
N ILE A 336 -5.18 18.55 -20.64
CA ILE A 336 -6.00 19.13 -21.69
C ILE A 336 -7.36 19.43 -21.09
N MET A 337 -7.55 20.69 -20.72
CA MET A 337 -8.76 21.09 -19.98
C MET A 337 -9.98 20.99 -20.88
N VAL A 338 -11.05 20.40 -20.36
CA VAL A 338 -12.35 20.47 -21.01
C VAL A 338 -13.48 20.83 -20.04
N TYR A 339 -13.18 20.95 -18.75
CA TYR A 339 -14.11 21.47 -17.75
C TYR A 339 -15.35 20.60 -17.59
N ASP A 340 -16.12 20.44 -18.65
CA ASP A 340 -17.30 19.57 -18.60
C ASP A 340 -16.87 18.11 -18.54
N ALA A 341 -17.47 17.36 -17.61
CA ALA A 341 -17.10 15.95 -17.46
C ALA A 341 -17.62 15.10 -18.62
N ASP A 342 -18.76 15.46 -19.20
CA ASP A 342 -19.27 14.68 -20.34
C ASP A 342 -18.39 14.86 -21.57
N LYS A 343 -17.91 16.08 -21.83
CA LYS A 343 -16.97 16.26 -22.92
C LYS A 343 -15.75 15.37 -22.74
N ALA A 344 -15.17 15.37 -21.53
CA ALA A 344 -13.98 14.56 -21.25
C ALA A 344 -14.22 13.09 -21.54
N GLN A 345 -15.39 12.57 -21.14
CA GLN A 345 -15.75 11.20 -21.50
C GLN A 345 -15.82 11.02 -23.02
N GLN A 346 -16.42 12.00 -23.72
CA GLN A 346 -16.53 11.91 -25.18
C GLN A 346 -15.15 11.92 -25.84
N LEU A 347 -14.33 12.91 -25.51
CA LEU A 347 -13.00 13.03 -26.10
C LEU A 347 -12.18 11.77 -25.89
N ALA A 348 -12.22 11.20 -24.67
CA ALA A 348 -11.50 9.96 -24.41
C ALA A 348 -12.02 8.82 -25.27
N GLN A 349 -13.35 8.73 -25.45
CA GLN A 349 -13.90 7.62 -26.23
C GLN A 349 -13.81 7.89 -27.73
N ARG A 350 -13.78 9.15 -28.15
CA ARG A 350 -13.58 9.42 -29.57
C ARG A 350 -12.14 9.15 -29.97
N LEU A 351 -11.18 9.57 -29.13
CA LEU A 351 -9.77 9.31 -29.41
C LEU A 351 -9.46 7.81 -29.40
N LEU A 352 -10.17 7.04 -28.59
CA LEU A 352 -9.96 5.59 -28.61
C LEU A 352 -10.39 5.01 -29.96
N GLU A 353 -11.43 5.58 -30.56
CA GLU A 353 -11.86 5.11 -31.87
C GLU A 353 -10.83 5.45 -32.96
N LEU A 354 -10.07 6.53 -32.76
CA LEU A 354 -8.99 6.90 -33.65
C LEU A 354 -7.64 6.37 -33.21
N GLY A 355 -7.63 5.34 -32.37
CA GLY A 355 -6.42 4.63 -32.01
C GLY A 355 -5.52 5.25 -30.96
N VAL A 356 -6.04 6.17 -30.15
CA VAL A 356 -5.28 6.75 -29.03
C VAL A 356 -5.97 6.38 -27.72
N TYR A 357 -5.18 5.90 -26.75
CA TYR A 357 -5.67 5.52 -25.42
C TYR A 357 -5.36 6.65 -24.44
N VAL A 358 -6.41 7.40 -24.08
CA VAL A 358 -6.39 8.27 -22.91
C VAL A 358 -7.71 8.09 -22.18
N VAL A 359 -7.82 8.71 -21.01
CA VAL A 359 -8.91 8.47 -20.07
C VAL A 359 -9.40 9.81 -19.52
N GLY A 360 -10.70 9.89 -19.26
CA GLY A 360 -11.27 11.12 -18.75
C GLY A 360 -11.05 11.29 -17.26
N PHE A 361 -10.53 12.45 -16.87
CA PHE A 361 -10.42 12.83 -15.47
C PHE A 361 -11.61 13.72 -15.10
N PHE A 362 -12.40 13.30 -14.12
CA PHE A 362 -13.49 14.09 -13.59
C PHE A 362 -13.62 13.78 -12.09
N TYR A 363 -14.53 14.48 -11.44
CA TYR A 363 -14.71 14.38 -10.00
C TYR A 363 -14.93 12.92 -9.60
N PRO A 364 -14.38 12.47 -8.45
CA PRO A 364 -13.61 13.28 -7.49
C PRO A 364 -12.11 13.38 -7.76
N VAL A 365 -11.64 12.85 -8.90
CA VAL A 365 -10.21 12.87 -9.21
C VAL A 365 -9.72 14.29 -9.45
N VAL A 366 -10.48 15.08 -10.20
CA VAL A 366 -10.25 16.52 -10.36
C VAL A 366 -11.51 17.22 -9.92
N PRO A 367 -11.42 18.50 -9.54
CA PRO A 367 -12.61 19.20 -9.04
C PRO A 367 -13.68 19.32 -10.11
N LYS A 368 -14.92 19.45 -9.64
CA LYS A 368 -16.06 19.60 -10.54
C LYS A 368 -15.92 20.88 -11.36
N GLY A 369 -16.32 20.80 -12.62
CA GLY A 369 -16.16 21.93 -13.50
C GLY A 369 -14.75 22.12 -14.01
N GLN A 370 -13.84 21.20 -13.68
CA GLN A 370 -12.46 21.26 -14.14
C GLN A 370 -12.02 19.92 -14.71
N ALA A 371 -12.95 19.19 -15.34
CA ALA A 371 -12.62 17.93 -15.99
C ALA A 371 -11.51 18.11 -17.03
N ARG A 372 -10.82 17.02 -17.35
CA ARG A 372 -9.68 17.09 -18.24
C ARG A 372 -9.28 15.69 -18.69
N ILE A 373 -8.54 15.67 -19.79
CA ILE A 373 -7.68 14.55 -20.14
C ILE A 373 -6.30 14.88 -19.60
N ARG A 374 -5.71 13.96 -18.85
CA ARG A 374 -4.29 14.08 -18.48
C ARG A 374 -3.49 13.25 -19.50
N VAL A 375 -2.91 13.95 -20.47
CA VAL A 375 -1.97 13.32 -21.38
C VAL A 375 -0.64 13.15 -20.66
N GLN A 376 -0.02 11.98 -20.84
CA GLN A 376 1.26 11.69 -20.20
C GLN A 376 2.23 11.19 -21.24
N MET A 377 3.36 11.87 -21.38
CA MET A 377 4.42 11.49 -22.30
C MET A 377 5.26 10.35 -21.75
N SER A 378 5.73 9.50 -22.65
CA SER A 378 6.76 8.54 -22.31
C SER A 378 7.94 8.69 -23.26
N ALA A 379 9.13 8.36 -22.74
CA ALA A 379 10.32 8.24 -23.58
C ALA A 379 10.17 7.13 -24.62
N LEU A 380 9.17 6.25 -24.47
CA LEU A 380 9.00 5.14 -25.39
C LEU A 380 8.53 5.59 -26.76
N HIS A 381 7.83 6.72 -26.84
CA HIS A 381 7.03 7.04 -28.01
C HIS A 381 7.92 7.39 -29.20
N ASP A 382 7.71 6.70 -30.31
CA ASP A 382 8.40 7.00 -31.56
C ASP A 382 7.64 8.07 -32.36
N GLU A 383 8.37 8.72 -33.28
CA GLU A 383 7.82 9.85 -34.03
C GLU A 383 6.55 9.46 -34.77
N ALA A 384 6.50 8.21 -35.26
CA ALA A 384 5.29 7.73 -35.93
C ALA A 384 4.07 7.84 -35.01
N ALA A 385 4.15 7.21 -33.83
CA ALA A 385 3.01 7.24 -32.91
C ALA A 385 2.72 8.66 -32.46
N LEU A 386 3.77 9.47 -32.25
CA LEU A 386 3.57 10.85 -31.83
C LEU A 386 2.78 11.64 -32.87
N GLN A 387 3.28 11.63 -34.12
CA GLN A 387 2.56 12.29 -35.22
C GLN A 387 1.18 11.68 -35.40
N ALA A 388 1.06 10.36 -35.24
CA ALA A 388 -0.25 9.74 -35.35
C ALA A 388 -1.23 10.31 -34.31
N ALA A 389 -0.79 10.40 -33.05
CA ALA A 389 -1.68 10.87 -31.98
C ALA A 389 -2.07 12.33 -32.19
N LEU A 390 -1.14 13.16 -32.68
CA LEU A 390 -1.48 14.55 -32.98
C LEU A 390 -2.62 14.63 -33.98
N ASP A 391 -2.61 13.77 -35.00
CA ASP A 391 -3.73 13.74 -35.94
C ASP A 391 -5.02 13.35 -35.23
N ALA A 392 -4.97 12.37 -34.33
CA ALA A 392 -6.17 11.98 -33.62
C ALA A 392 -6.67 13.11 -32.73
N PHE A 393 -5.76 13.88 -32.13
CA PHE A 393 -6.17 14.99 -31.29
C PHE A 393 -6.69 16.15 -32.13
N GLY A 394 -6.06 16.41 -33.28
CA GLY A 394 -6.57 17.46 -34.16
C GLY A 394 -7.97 17.16 -34.66
N GLN A 395 -8.17 15.94 -35.18
CA GLN A 395 -9.49 15.57 -35.68
C GLN A 395 -10.53 15.60 -34.57
N ALA A 396 -10.34 14.78 -33.53
CA ALA A 396 -11.30 14.71 -32.43
C ALA A 396 -11.46 16.05 -31.74
N GLY A 397 -10.39 16.85 -31.68
CA GLY A 397 -10.50 18.18 -31.11
C GLY A 397 -11.36 19.11 -31.94
N ARG A 398 -11.51 18.82 -33.22
CA ARG A 398 -12.38 19.64 -34.07
C ARG A 398 -13.79 19.09 -34.12
N GLU A 399 -13.95 17.76 -34.19
CA GLU A 399 -15.28 17.17 -34.20
C GLU A 399 -16.11 17.50 -32.96
N LEU A 400 -15.46 17.84 -31.85
CA LEU A 400 -16.16 18.08 -30.60
C LEU A 400 -15.94 19.50 -30.10
N GLY A 401 -15.64 20.41 -31.02
CA GLY A 401 -15.70 21.84 -30.73
C GLY A 401 -14.65 22.38 -29.79
N LEU A 402 -13.56 21.66 -29.59
CA LEU A 402 -12.50 22.13 -28.70
C LEU A 402 -11.50 23.04 -29.39
N ILE A 403 -11.38 22.98 -30.72
CA ILE A 403 -10.45 23.84 -31.44
C ILE A 403 -11.03 24.28 -32.78
N MET B 5 20.39 28.27 17.82
CA MET B 5 19.97 26.94 17.35
C MET B 5 18.66 27.01 16.58
N SER B 6 18.68 26.58 15.32
CA SER B 6 17.57 26.76 14.39
C SER B 6 16.45 25.77 14.67
N ASN B 7 15.23 26.15 14.27
CA ASN B 7 14.05 25.34 14.52
C ASN B 7 14.18 23.97 13.89
N ALA B 8 14.62 23.92 12.62
CA ALA B 8 14.83 22.67 11.90
C ALA B 8 15.75 21.73 12.68
N GLU B 9 16.96 22.21 13.03
CA GLU B 9 17.92 21.38 13.75
C GLU B 9 17.41 20.96 15.12
N ALA B 10 16.61 21.82 15.77
CA ALA B 10 15.96 21.44 17.02
C ALA B 10 14.98 20.30 16.81
N PHE B 11 14.27 20.29 15.67
CA PHE B 11 13.42 19.15 15.33
C PHE B 11 14.25 17.87 15.24
N TYR B 12 15.37 17.93 14.53
CA TYR B 12 16.21 16.74 14.41
C TYR B 12 16.74 16.31 15.77
N ALA B 13 17.07 17.28 16.64
CA ALA B 13 17.48 16.93 17.99
C ALA B 13 16.36 16.17 18.73
N SER B 14 15.12 16.66 18.63
CA SER B 14 13.98 15.93 19.19
C SER B 14 13.96 14.47 18.71
N ILE B 15 14.04 14.27 17.39
CA ILE B 15 14.02 12.92 16.83
C ILE B 15 15.15 12.08 17.41
N ARG B 16 16.36 12.66 17.51
CA ARG B 16 17.49 11.94 18.08
C ARG B 16 17.23 11.56 19.53
N THR B 17 16.77 12.52 20.33
CA THR B 17 16.38 12.23 21.72
C THR B 17 15.37 11.09 21.78
N GLU B 18 14.33 11.12 20.93
CA GLU B 18 13.33 10.07 20.95
C GLU B 18 13.90 8.70 20.60
N LEU B 19 14.71 8.62 19.52
CA LEU B 19 15.41 7.36 19.21
C LEU B 19 16.14 6.84 20.43
N GLU B 20 16.95 7.70 21.06
CA GLU B 20 17.68 7.31 22.27
C GLU B 20 16.75 6.80 23.35
N SER B 21 15.64 7.52 23.58
CA SER B 21 14.64 7.12 24.56
C SER B 21 14.07 5.74 24.24
N ILE B 22 13.80 5.46 22.96
CA ILE B 22 13.30 4.16 22.55
C ILE B 22 14.31 3.08 22.87
N ARG B 23 15.60 3.36 22.68
CA ARG B 23 16.61 2.34 22.90
C ARG B 23 16.83 2.10 24.38
N ALA B 24 16.84 3.16 25.19
CA ALA B 24 16.96 2.99 26.63
C ALA B 24 15.83 2.14 27.18
N ALA B 25 14.62 2.29 26.64
CA ALA B 25 13.46 1.55 27.12
C ALA B 25 13.44 0.11 26.64
N GLY B 26 14.40 -0.31 25.82
CA GLY B 26 14.42 -1.66 25.30
C GLY B 26 13.44 -1.90 24.16
N LEU B 27 13.06 -0.84 23.45
CA LEU B 27 12.04 -0.89 22.42
C LEU B 27 12.59 -0.61 21.03
N PHE B 28 13.90 -0.63 20.84
CA PHE B 28 14.48 -0.34 19.53
C PHE B 28 14.57 -1.63 18.74
N LYS B 29 14.05 -1.60 17.51
CA LYS B 29 13.99 -2.79 16.67
C LYS B 29 15.14 -2.80 15.68
N ASN B 30 15.82 -3.93 15.60
CA ASN B 30 16.94 -4.13 14.68
C ASN B 30 16.53 -5.15 13.63
N GLU B 31 16.64 -4.76 12.36
CA GLU B 31 16.33 -5.70 11.29
C GLU B 31 17.46 -6.70 11.08
N ARG B 32 17.09 -7.95 10.90
CA ARG B 32 17.98 -8.99 10.43
C ARG B 32 17.90 -9.07 8.91
N VAL B 33 19.05 -9.29 8.28
CA VAL B 33 19.16 -9.24 6.83
C VAL B 33 19.22 -10.67 6.32
N ILE B 34 18.11 -11.15 5.71
CA ILE B 34 18.01 -12.50 5.20
C ILE B 34 18.57 -12.54 3.78
N ALA B 35 19.44 -13.52 3.52
CA ALA B 35 20.11 -13.59 2.23
C ALA B 35 19.45 -14.56 1.28
N THR B 36 18.38 -15.24 1.71
CA THR B 36 17.78 -16.35 0.99
C THR B 36 16.31 -16.08 0.70
N PRO B 37 15.65 -16.90 -0.12
CA PRO B 37 14.21 -16.76 -0.25
C PRO B 37 13.52 -17.12 1.05
N GLN B 38 12.26 -16.70 1.16
CA GLN B 38 11.46 -17.08 2.32
C GLN B 38 11.22 -18.58 2.31
N GLY B 39 11.22 -19.18 3.50
CA GLY B 39 10.91 -20.60 3.57
C GLY B 39 10.95 -21.07 5.00
N ALA B 40 10.75 -22.38 5.15
CA ALA B 40 10.76 -23.00 6.47
C ALA B 40 12.12 -22.85 7.14
N ARG B 41 13.18 -23.03 6.38
CA ARG B 41 14.51 -22.69 6.86
C ARG B 41 15.05 -21.53 6.03
N VAL B 42 15.86 -20.71 6.68
CA VAL B 42 16.27 -19.44 6.13
C VAL B 42 17.70 -19.20 6.58
N ARG B 43 18.43 -18.43 5.80
CA ARG B 43 19.81 -18.14 6.11
C ARG B 43 19.97 -16.64 6.06
N THR B 44 20.62 -16.08 7.06
CA THR B 44 20.89 -14.66 7.10
C THR B 44 22.29 -14.41 6.51
N THR B 45 22.58 -13.14 6.22
CA THR B 45 23.83 -12.86 5.52
C THR B 45 25.08 -13.19 6.34
N ASP B 46 24.96 -13.53 7.62
CA ASP B 46 26.12 -14.04 8.36
C ASP B 46 26.31 -15.55 8.20
N GLY B 47 25.64 -16.17 7.22
CA GLY B 47 25.83 -17.57 6.92
C GLY B 47 25.01 -18.55 7.73
N ARG B 48 24.46 -18.13 8.87
CA ARG B 48 23.77 -19.07 9.75
C ARG B 48 22.41 -19.47 9.19
N GLU B 49 22.18 -20.76 9.03
CA GLU B 49 20.88 -21.30 8.65
C GLU B 49 20.08 -21.64 9.90
N VAL B 50 18.82 -21.19 9.94
CA VAL B 50 17.99 -21.24 11.14
C VAL B 50 16.55 -21.54 10.75
N ILE B 51 15.76 -21.97 11.74
CA ILE B 51 14.36 -22.34 11.50
C ILE B 51 13.48 -21.11 11.65
N ASN B 52 12.69 -20.83 10.60
CA ASN B 52 11.82 -19.66 10.59
C ASN B 52 10.47 -20.04 11.14
N LEU B 53 10.11 -19.44 12.27
CA LEU B 53 8.81 -19.62 12.90
C LEU B 53 8.15 -18.27 13.20
N CYS B 54 8.30 -17.30 12.30
CA CYS B 54 7.66 -16.01 12.50
C CYS B 54 7.27 -15.31 11.21
N ALA B 55 7.03 -16.08 10.15
CA ALA B 55 6.56 -15.55 8.88
C ALA B 55 5.04 -15.67 8.77
N ASN B 56 4.47 -14.89 7.86
CA ASN B 56 3.06 -15.03 7.49
C ASN B 56 2.88 -16.04 6.36
N ASN B 57 3.93 -16.80 6.07
CA ASN B 57 3.99 -17.81 5.02
C ASN B 57 3.26 -19.10 5.45
N TYR B 58 1.98 -18.94 5.78
CA TYR B 58 1.27 -20.01 6.48
C TYR B 58 1.22 -21.29 5.65
N LEU B 59 1.00 -21.17 4.34
CA LEU B 59 0.81 -22.33 3.49
C LEU B 59 2.07 -22.71 2.72
N GLY B 60 3.18 -22.01 2.95
CA GLY B 60 4.41 -22.26 2.25
C GLY B 60 4.46 -21.79 0.81
N LEU B 61 3.49 -20.98 0.39
CA LEU B 61 3.44 -20.54 -1.00
C LEU B 61 4.43 -19.43 -1.33
N SER B 62 5.06 -18.80 -0.34
CA SER B 62 5.94 -17.67 -0.61
C SER B 62 7.06 -18.02 -1.58
N SER B 63 7.55 -19.27 -1.55
CA SER B 63 8.56 -19.78 -2.50
C SER B 63 8.13 -21.12 -3.11
N HIS B 64 6.84 -21.37 -3.20
CA HIS B 64 6.34 -22.57 -3.86
C HIS B 64 6.71 -22.53 -5.35
N PRO B 65 7.37 -23.57 -5.86
CA PRO B 65 7.86 -23.53 -7.24
C PRO B 65 6.80 -23.22 -8.30
N GLN B 66 5.54 -23.61 -8.10
CA GLN B 66 4.50 -23.27 -9.06
C GLN B 66 4.08 -21.81 -8.94
N VAL B 67 4.16 -21.25 -7.73
CA VAL B 67 3.91 -19.83 -7.56
C VAL B 67 5.04 -19.02 -8.17
N ILE B 68 6.30 -19.44 -7.97
CA ILE B 68 7.42 -18.74 -8.60
C ILE B 68 7.31 -18.80 -10.12
N GLU B 69 6.85 -19.94 -10.64
CA GLU B 69 6.78 -20.12 -12.09
C GLU B 69 5.62 -19.33 -12.70
N ALA B 70 4.51 -19.18 -11.98
CA ALA B 70 3.43 -18.34 -12.49
C ALA B 70 3.86 -16.87 -12.54
N ALA B 71 4.55 -16.41 -11.50
CA ALA B 71 5.10 -15.06 -11.55
C ALA B 71 6.04 -14.91 -12.74
N HIS B 72 6.86 -15.92 -13.00
CA HIS B 72 7.72 -15.93 -14.18
C HIS B 72 6.90 -15.78 -15.47
N GLU B 73 5.86 -16.62 -15.61
CA GLU B 73 5.02 -16.54 -16.79
C GLU B 73 4.36 -15.18 -16.94
N ALA B 74 3.86 -14.61 -15.82
CA ALA B 74 3.16 -13.33 -15.90
C ALA B 74 4.11 -12.21 -16.33
N LEU B 75 5.35 -12.25 -15.86
CA LEU B 75 6.34 -11.28 -16.35
C LEU B 75 6.46 -11.38 -17.86
N ARG B 76 6.52 -12.60 -18.40
CA ARG B 76 6.66 -12.78 -19.83
C ARG B 76 5.43 -12.28 -20.58
N THR B 77 4.23 -12.74 -20.18
CA THR B 77 3.04 -12.42 -20.94
C THR B 77 2.48 -11.03 -20.64
N HIS B 78 2.61 -10.54 -19.39
CA HIS B 78 1.93 -9.32 -18.96
C HIS B 78 2.82 -8.23 -18.37
N GLY B 79 4.15 -8.44 -18.35
CA GLY B 79 5.07 -7.38 -17.98
C GLY B 79 5.36 -7.30 -16.49
N PHE B 80 6.17 -6.29 -16.15
CA PHE B 80 6.65 -6.07 -14.79
C PHE B 80 5.78 -5.08 -14.02
N GLY B 81 5.59 -3.89 -14.57
CA GLY B 81 4.74 -2.90 -13.95
C GLY B 81 3.66 -2.40 -14.90
N LEU B 82 2.56 -1.94 -14.31
CA LEU B 82 1.58 -1.21 -15.12
C LEU B 82 1.71 0.29 -14.99
N SER B 83 2.34 0.78 -13.92
CA SER B 83 2.56 2.19 -13.68
C SER B 83 1.30 3.01 -13.97
N SER B 84 0.18 2.55 -13.40
CA SER B 84 -1.10 3.23 -13.56
C SER B 84 -2.04 2.74 -12.47
N VAL B 85 -2.91 3.65 -12.01
CA VAL B 85 -4.07 3.22 -11.24
C VAL B 85 -5.06 2.49 -12.12
N ARG B 86 -6.00 1.79 -11.49
CA ARG B 86 -6.87 0.87 -12.22
C ARG B 86 -7.71 1.57 -13.29
N PHE B 87 -8.38 2.68 -12.96
CA PHE B 87 -9.32 3.27 -13.91
C PHE B 87 -8.64 3.93 -15.11
N ILE B 88 -7.32 4.03 -15.13
CA ILE B 88 -6.65 4.70 -16.25
C ILE B 88 -6.16 3.64 -17.25
N CYS B 89 -4.97 3.10 -17.03
CA CYS B 89 -4.48 1.99 -17.84
C CYS B 89 -3.80 0.95 -16.97
N GLY B 90 -4.30 0.76 -15.75
CA GLY B 90 -3.77 -0.22 -14.84
C GLY B 90 -4.61 -1.46 -14.68
N THR B 91 -5.58 -1.70 -15.56
CA THR B 91 -6.40 -2.91 -15.51
C THR B 91 -6.01 -3.84 -16.65
N GLN B 92 -5.58 -5.04 -16.29
CA GLN B 92 -5.34 -6.12 -17.24
C GLN B 92 -6.38 -7.20 -17.04
N ASP B 93 -6.45 -8.13 -17.99
CA ASP B 93 -7.39 -9.24 -17.86
C ASP B 93 -7.12 -10.03 -16.58
N LEU B 94 -5.87 -10.04 -16.13
CA LEU B 94 -5.51 -10.77 -14.93
C LEU B 94 -6.26 -10.25 -13.70
N HIS B 95 -6.33 -8.91 -13.55
CA HIS B 95 -7.01 -8.35 -12.39
C HIS B 95 -8.49 -8.73 -12.37
N LYS B 96 -9.16 -8.69 -13.53
CA LYS B 96 -10.55 -9.12 -13.58
C LYS B 96 -10.67 -10.59 -13.21
N THR B 97 -9.77 -11.43 -13.71
CA THR B 97 -9.85 -12.85 -13.42
C THR B 97 -9.61 -13.14 -11.94
N LEU B 98 -8.60 -12.51 -11.33
CA LEU B 98 -8.34 -12.73 -9.92
C LEU B 98 -9.50 -12.22 -9.05
N GLU B 99 -10.04 -11.04 -9.39
CA GLU B 99 -11.20 -10.52 -8.64
C GLU B 99 -12.37 -11.48 -8.71
N ALA B 100 -12.64 -12.04 -9.90
CA ALA B 100 -13.66 -13.07 -10.03
C ALA B 100 -13.30 -14.32 -9.20
N ARG B 101 -12.08 -14.86 -9.38
CA ARG B 101 -11.70 -16.07 -8.65
C ARG B 101 -11.79 -15.87 -7.14
N LEU B 102 -11.34 -14.70 -6.65
CA LEU B 102 -11.38 -14.41 -5.21
C LEU B 102 -12.81 -14.34 -4.69
N SER B 103 -13.71 -13.71 -5.45
CA SER B 103 -15.12 -13.64 -5.04
C SER B 103 -15.69 -15.03 -4.89
N ALA B 104 -15.43 -15.91 -5.86
CA ALA B 104 -15.87 -17.29 -5.76
C ALA B 104 -15.22 -18.00 -4.58
N PHE B 105 -13.92 -17.77 -4.35
CA PHE B 105 -13.24 -18.42 -3.25
C PHE B 105 -13.84 -17.99 -1.90
N LEU B 106 -14.18 -16.72 -1.75
CA LEU B 106 -14.61 -16.17 -0.47
C LEU B 106 -16.13 -16.16 -0.28
N GLY B 107 -16.91 -16.45 -1.32
CA GLY B 107 -18.35 -16.49 -1.18
C GLY B 107 -19.07 -15.17 -1.38
N THR B 108 -18.52 -14.28 -2.20
CA THR B 108 -19.04 -12.94 -2.35
C THR B 108 -19.28 -12.65 -3.81
N GLU B 109 -20.04 -11.60 -4.07
CA GLU B 109 -20.42 -11.27 -5.44
C GLU B 109 -19.27 -10.61 -6.20
N ASP B 110 -18.45 -9.79 -5.54
CA ASP B 110 -17.38 -9.13 -6.25
C ASP B 110 -16.23 -8.82 -5.32
N THR B 111 -15.11 -8.48 -5.92
CA THR B 111 -13.88 -8.19 -5.20
C THR B 111 -13.21 -6.99 -5.86
N ILE B 112 -12.59 -6.15 -5.05
CA ILE B 112 -11.81 -5.04 -5.56
C ILE B 112 -10.39 -5.16 -5.00
N LEU B 113 -9.40 -5.21 -5.89
CA LEU B 113 -8.00 -5.34 -5.51
C LEU B 113 -7.44 -4.02 -4.99
N TYR B 114 -6.60 -4.08 -3.96
CA TYR B 114 -5.83 -2.94 -3.50
C TYR B 114 -4.35 -3.28 -3.52
N GLY B 115 -3.51 -2.26 -3.28
CA GLY B 115 -2.09 -2.50 -3.14
C GLY B 115 -1.72 -3.32 -1.92
N SER B 116 -2.59 -3.36 -0.91
CA SER B 116 -2.34 -4.05 0.33
C SER B 116 -3.65 -4.10 1.09
N ALA B 117 -3.72 -5.03 2.06
CA ALA B 117 -4.80 -5.01 3.04
C ALA B 117 -4.80 -3.71 3.85
N PHE B 118 -3.60 -3.17 4.14
CA PHE B 118 -3.54 -1.89 4.84
C PHE B 118 -4.35 -0.85 4.09
N ASP B 119 -4.19 -0.80 2.76
CA ASP B 119 -4.92 0.18 1.96
C ASP B 119 -6.38 -0.22 1.74
N ALA B 120 -6.68 -1.52 1.63
CA ALA B 120 -8.07 -1.95 1.58
C ALA B 120 -8.81 -1.49 2.83
N ASN B 121 -8.18 -1.66 3.99
CA ASN B 121 -8.78 -1.16 5.22
C ASN B 121 -8.82 0.35 5.23
N GLY B 122 -7.78 1.00 4.70
CA GLY B 122 -7.73 2.45 4.72
C GLY B 122 -8.80 3.10 3.87
N GLY B 123 -9.23 2.42 2.80
CA GLY B 123 -10.17 2.96 1.84
C GLY B 123 -11.59 2.46 1.99
N LEU B 124 -11.90 1.70 3.04
CA LEU B 124 -13.22 1.11 3.19
C LEU B 124 -14.19 2.10 3.84
N PHE B 125 -13.98 2.41 5.11
CA PHE B 125 -15.01 3.04 5.93
C PHE B 125 -15.35 4.44 5.45
N GLU B 126 -14.35 5.22 5.01
CA GLU B 126 -14.62 6.56 4.51
C GLU B 126 -15.44 6.53 3.22
N THR B 127 -15.31 5.47 2.43
CA THR B 127 -16.07 5.40 1.18
C THR B 127 -17.51 4.99 1.41
N LEU B 128 -17.77 4.15 2.42
CA LEU B 128 -19.07 3.53 2.60
C LEU B 128 -19.93 4.21 3.65
N LEU B 129 -19.32 4.82 4.68
CA LEU B 129 -20.04 5.32 5.84
C LEU B 129 -19.84 6.82 5.99
N GLY B 130 -20.81 7.47 6.65
CA GLY B 130 -20.77 8.90 6.89
C GLY B 130 -20.98 9.21 8.37
N ALA B 131 -21.06 10.51 8.66
CA ALA B 131 -21.14 10.95 10.04
C ALA B 131 -22.41 10.44 10.72
N GLU B 132 -23.45 10.19 9.96
CA GLU B 132 -24.70 9.62 10.47
C GLU B 132 -24.55 8.17 10.93
N ASP B 133 -23.45 7.48 10.57
CA ASP B 133 -23.31 6.04 10.71
C ASP B 133 -22.36 5.70 11.85
N ALA B 134 -22.20 4.41 12.08
CA ALA B 134 -21.43 3.91 13.22
C ALA B 134 -20.60 2.71 12.80
N VAL B 135 -19.43 2.59 13.40
CA VAL B 135 -18.55 1.43 13.29
C VAL B 135 -18.32 0.91 14.71
N ILE B 136 -18.52 -0.39 14.90
CA ILE B 136 -18.26 -1.03 16.18
C ILE B 136 -17.11 -2.00 15.99
N SER B 137 -16.06 -1.80 16.78
CA SER B 137 -14.78 -2.46 16.59
C SER B 137 -14.43 -3.28 17.82
N ASP B 138 -13.91 -4.50 17.56
CA ASP B 138 -13.20 -5.23 18.60
C ASP B 138 -11.99 -4.42 19.05
N ALA B 139 -11.79 -4.34 20.36
CA ALA B 139 -10.80 -3.42 20.93
C ALA B 139 -9.39 -3.69 20.39
N LEU B 140 -9.10 -4.93 20.00
CA LEU B 140 -7.80 -5.32 19.46
C LEU B 140 -7.75 -5.30 17.94
N ASN B 141 -8.71 -4.67 17.28
CA ASN B 141 -8.67 -4.59 15.82
C ASN B 141 -7.32 -4.07 15.35
N HIS B 142 -6.90 -4.56 14.18
CA HIS B 142 -5.63 -4.18 13.57
C HIS B 142 -5.49 -2.67 13.38
N ALA B 143 -4.24 -2.20 13.41
CA ALA B 143 -3.95 -0.78 13.17
C ALA B 143 -4.54 -0.27 11.86
N SER B 144 -4.58 -1.11 10.81
CA SER B 144 -5.10 -0.65 9.53
C SER B 144 -6.60 -0.37 9.60
N ILE B 145 -7.32 -1.11 10.44
CA ILE B 145 -8.76 -0.90 10.59
C ILE B 145 -9.02 0.38 11.37
N ILE B 146 -8.28 0.57 12.45
CA ILE B 146 -8.41 1.79 13.24
C ILE B 146 -8.08 3.01 12.38
N ASP B 147 -7.11 2.87 11.49
CA ASP B 147 -6.73 3.99 10.64
C ASP B 147 -7.78 4.26 9.57
N GLY B 148 -8.31 3.22 8.94
CA GLY B 148 -9.41 3.41 8.01
C GLY B 148 -10.62 4.06 8.67
N VAL B 149 -10.96 3.65 9.89
CA VAL B 149 -12.10 4.23 10.59
C VAL B 149 -11.85 5.70 10.91
N ARG B 150 -10.64 6.01 11.43
CA ARG B 150 -10.23 7.39 11.70
C ARG B 150 -10.40 8.30 10.50
N LEU B 151 -10.15 7.78 9.29
CA LEU B 151 -10.30 8.56 8.08
C LEU B 151 -11.75 8.80 7.70
N SER B 152 -12.68 7.98 8.21
CA SER B 152 -14.11 8.19 7.95
C SER B 152 -14.72 9.11 9.00
N LYS B 153 -15.92 9.59 8.71
CA LYS B 153 -16.62 10.48 9.62
C LYS B 153 -17.63 9.75 10.51
N ALA B 154 -17.59 8.42 10.53
CA ALA B 154 -18.57 7.65 11.29
C ALA B 154 -18.28 7.71 12.79
N ARG B 155 -19.33 7.53 13.58
CA ARG B 155 -19.17 7.41 15.03
C ARG B 155 -18.57 6.07 15.39
N ARG B 156 -17.67 6.08 16.37
CA ARG B 156 -16.87 4.91 16.70
C ARG B 156 -17.26 4.36 18.07
N TYR B 157 -17.54 3.07 18.12
CA TYR B 157 -17.68 2.33 19.36
C TYR B 157 -16.67 1.19 19.36
N ARG B 158 -16.23 0.83 20.56
CA ARG B 158 -15.37 -0.33 20.77
C ARG B 158 -16.04 -1.27 21.76
N TYR B 159 -16.03 -2.57 21.46
CA TYR B 159 -16.38 -3.55 22.47
C TYR B 159 -15.14 -4.27 22.95
N GLN B 160 -15.22 -4.80 24.17
CA GLN B 160 -14.09 -5.53 24.72
C GLN B 160 -13.77 -6.74 23.86
N HIS B 161 -12.47 -7.07 23.82
CA HIS B 161 -11.94 -8.11 22.95
C HIS B 161 -12.73 -9.42 23.02
N ASN B 162 -13.42 -9.75 21.93
CA ASN B 162 -14.14 -11.01 21.77
C ASN B 162 -15.29 -11.17 22.76
N ASP B 163 -15.76 -10.06 23.33
CA ASP B 163 -16.79 -10.04 24.38
C ASP B 163 -18.13 -9.78 23.72
N MET B 164 -18.95 -10.84 23.57
CA MET B 164 -20.20 -10.70 22.84
C MET B 164 -21.24 -9.92 23.63
N ASP B 165 -21.16 -9.92 24.94
CA ASP B 165 -22.06 -9.07 25.70
C ASP B 165 -21.72 -7.60 25.49
N ASP B 166 -20.43 -7.24 25.56
CA ASP B 166 -20.08 -5.85 25.33
C ASP B 166 -20.49 -5.40 23.93
N LEU B 167 -20.34 -6.27 22.93
CA LEU B 167 -20.78 -5.92 21.59
C LEU B 167 -22.27 -5.55 21.57
N ARG B 168 -23.10 -6.29 22.32
CA ARG B 168 -24.51 -5.92 22.40
C ARG B 168 -24.69 -4.57 23.10
N VAL B 169 -23.90 -4.29 24.13
CA VAL B 169 -23.94 -2.98 24.79
C VAL B 169 -23.67 -1.86 23.79
N GLN B 170 -22.60 -1.99 22.99
CA GLN B 170 -22.29 -0.98 21.99
C GLN B 170 -23.40 -0.87 20.96
N LEU B 171 -23.98 -2.00 20.54
CA LEU B 171 -25.02 -1.94 19.51
C LEU B 171 -26.25 -1.19 20.02
N GLU B 172 -26.58 -1.38 21.31
CA GLU B 172 -27.63 -0.58 21.93
C GLU B 172 -27.27 0.90 21.91
N GLN B 173 -26.11 1.25 22.47
CA GLN B 173 -25.70 2.65 22.52
C GLN B 173 -25.72 3.28 21.13
N ALA B 174 -25.19 2.57 20.13
CA ALA B 174 -25.14 3.15 18.80
C ALA B 174 -26.55 3.38 18.27
N ARG B 175 -27.48 2.46 18.59
CA ARG B 175 -28.89 2.68 18.27
C ARG B 175 -29.45 3.84 19.08
N ALA B 176 -29.15 3.87 20.37
CA ALA B 176 -29.67 4.92 21.24
C ALA B 176 -29.08 6.27 20.86
N ASP B 177 -27.86 6.31 20.33
CA ASP B 177 -27.27 7.55 19.85
C ASP B 177 -27.74 7.93 18.47
N GLY B 178 -28.59 7.09 17.84
CA GLY B 178 -29.25 7.46 16.60
C GLY B 178 -28.55 7.06 15.32
N ALA B 179 -27.81 5.96 15.32
CA ALA B 179 -27.03 5.58 14.15
C ALA B 179 -27.94 5.27 12.97
N ARG B 180 -27.56 5.78 11.80
CA ARG B 180 -28.25 5.36 10.58
C ARG B 180 -27.89 3.93 10.25
N TYR B 181 -26.75 3.70 9.59
CA TYR B 181 -26.24 2.36 9.38
C TYR B 181 -25.15 2.03 10.40
N THR B 182 -25.01 0.74 10.69
CA THR B 182 -24.03 0.27 11.65
C THR B 182 -23.26 -0.92 11.07
N LEU B 183 -21.94 -0.80 11.05
CA LEU B 183 -21.06 -1.86 10.60
C LEU B 183 -20.24 -2.32 11.78
N VAL B 184 -20.32 -3.60 12.10
CA VAL B 184 -19.50 -4.21 13.14
C VAL B 184 -18.28 -4.81 12.45
N PHE B 185 -17.09 -4.39 12.87
CA PHE B 185 -15.87 -4.78 12.18
C PHE B 185 -14.86 -5.37 13.15
N SER B 186 -14.15 -6.40 12.68
CA SER B 186 -13.29 -7.18 13.56
C SER B 186 -12.27 -7.94 12.71
N ASP B 187 -11.09 -8.15 13.30
CA ASP B 187 -10.18 -9.14 12.76
C ASP B 187 -10.91 -10.47 12.69
N GLY B 188 -10.70 -11.21 11.59
CA GLY B 188 -11.16 -12.59 11.56
C GLY B 188 -10.38 -13.40 12.57
N VAL B 189 -9.06 -13.41 12.39
CA VAL B 189 -8.10 -13.93 13.35
C VAL B 189 -7.21 -12.76 13.78
N PHE B 190 -6.95 -12.64 15.07
CA PHE B 190 -6.30 -11.45 15.59
C PHE B 190 -4.79 -11.58 15.52
N SER B 191 -4.16 -10.65 14.79
CA SER B 191 -2.72 -10.47 14.64
C SER B 191 -1.87 -10.94 15.82
N MET B 192 -2.12 -10.40 17.02
CA MET B 192 -1.14 -10.51 18.10
C MET B 192 -1.42 -11.62 19.10
N ASP B 193 -2.57 -12.27 19.04
CA ASP B 193 -2.82 -13.33 19.99
C ASP B 193 -3.44 -14.57 19.36
N GLY B 194 -3.74 -14.56 18.07
CA GLY B 194 -4.19 -15.76 17.41
C GLY B 194 -5.63 -16.14 17.71
N THR B 195 -6.31 -15.42 18.59
CA THR B 195 -7.71 -15.71 18.85
C THR B 195 -8.55 -15.54 17.58
N VAL B 196 -9.67 -16.25 17.57
CA VAL B 196 -10.55 -16.35 16.40
C VAL B 196 -11.85 -15.65 16.74
N ALA B 197 -12.21 -14.63 15.98
CA ALA B 197 -13.46 -13.93 16.21
C ALA B 197 -14.64 -14.90 16.22
N ARG B 198 -15.63 -14.59 17.04
CA ARG B 198 -16.84 -15.42 17.18
C ARG B 198 -17.91 -15.01 16.17
N LEU B 199 -17.56 -15.19 14.89
CA LEU B 199 -18.41 -14.69 13.81
C LEU B 199 -19.81 -15.28 13.86
N ASP B 200 -19.96 -16.52 14.33
CA ASP B 200 -21.29 -17.10 14.41
C ASP B 200 -22.19 -16.31 15.37
N GLU B 201 -21.69 -16.03 16.59
CA GLU B 201 -22.46 -15.19 17.51
C GLU B 201 -22.65 -13.79 16.93
N MET B 202 -21.62 -13.22 16.31
CA MET B 202 -21.70 -11.84 15.85
C MET B 202 -22.67 -11.70 14.70
N ARG B 203 -22.67 -12.66 13.77
CA ARG B 203 -23.65 -12.62 12.69
C ARG B 203 -25.07 -12.64 13.23
N ALA B 204 -25.31 -13.37 14.32
CA ALA B 204 -26.62 -13.37 14.96
C ALA B 204 -26.90 -12.05 15.66
N ILE B 205 -25.94 -11.58 16.47
CA ILE B 205 -26.14 -10.32 17.18
C ILE B 205 -26.29 -9.17 16.20
N CYS B 206 -25.51 -9.20 15.11
CA CYS B 206 -25.68 -8.20 14.05
C CYS B 206 -27.07 -8.24 13.45
N ASP B 207 -27.61 -9.45 13.28
CA ASP B 207 -28.91 -9.58 12.63
C ASP B 207 -30.02 -9.01 13.49
N GLU B 208 -29.91 -9.12 14.81
CA GLU B 208 -30.91 -8.53 15.70
C GLU B 208 -31.05 -7.04 15.45
N TYR B 209 -29.93 -6.34 15.25
CA TYR B 209 -29.92 -4.89 15.13
C TYR B 209 -29.88 -4.43 13.68
N GLY B 210 -29.85 -5.35 12.72
CA GLY B 210 -29.69 -4.93 11.35
C GLY B 210 -28.36 -4.26 11.06
N ALA B 211 -27.35 -4.50 11.90
CA ALA B 211 -26.00 -4.03 11.65
C ALA B 211 -25.34 -4.88 10.57
N LEU B 212 -24.37 -4.29 9.90
CA LEU B 212 -23.57 -5.06 8.96
C LEU B 212 -22.45 -5.75 9.72
N LEU B 213 -21.85 -6.75 9.08
CA LEU B 213 -20.71 -7.47 9.66
C LEU B 213 -19.56 -7.45 8.67
N GLY B 214 -18.42 -6.91 9.09
CA GLY B 214 -17.22 -6.89 8.28
C GLY B 214 -16.09 -7.55 9.02
N ILE B 215 -15.18 -8.15 8.26
CA ILE B 215 -14.09 -8.92 8.86
C ILE B 215 -12.81 -8.67 8.08
N ASP B 216 -11.70 -8.57 8.82
CA ASP B 216 -10.37 -8.53 8.25
C ASP B 216 -9.81 -9.94 8.31
N GLU B 217 -9.44 -10.50 7.17
CA GLU B 217 -9.15 -11.93 7.07
C GLU B 217 -7.69 -12.23 6.75
N CYS B 218 -6.77 -11.28 6.96
CA CYS B 218 -5.36 -11.50 6.64
C CYS B 218 -4.80 -12.79 7.23
N HIS B 219 -5.12 -13.08 8.49
CA HIS B 219 -4.54 -14.23 9.19
C HIS B 219 -5.47 -15.44 9.13
N ALA B 220 -6.23 -15.58 8.04
CA ALA B 220 -7.23 -16.62 7.91
C ALA B 220 -7.30 -17.20 6.49
N THR B 221 -7.32 -16.33 5.47
CA THR B 221 -7.60 -16.77 4.11
C THR B 221 -6.57 -17.81 3.66
N GLY B 222 -7.04 -18.87 3.03
CA GLY B 222 -6.18 -19.94 2.59
C GLY B 222 -6.23 -21.17 3.47
N PHE B 223 -6.35 -20.98 4.79
CA PHE B 223 -6.11 -22.07 5.71
C PHE B 223 -7.09 -22.17 6.87
N MET B 224 -7.93 -21.17 7.12
CA MET B 224 -8.97 -21.26 8.14
C MET B 224 -10.24 -21.82 7.52
N GLY B 225 -10.87 -22.76 8.23
CA GLY B 225 -11.97 -23.51 7.67
C GLY B 225 -11.50 -24.76 6.94
N GLN B 226 -12.43 -25.73 6.82
CA GLN B 226 -12.06 -27.03 6.26
C GLN B 226 -11.47 -26.90 4.86
N ARG B 227 -12.06 -26.06 4.02
CA ARG B 227 -11.54 -25.80 2.69
C ARG B 227 -10.66 -24.55 2.65
N GLY B 228 -10.23 -24.05 3.79
CA GLY B 228 -9.34 -22.89 3.86
C GLY B 228 -9.90 -21.57 3.36
N ARG B 229 -11.22 -21.39 3.40
CA ARG B 229 -11.83 -20.23 2.77
C ARG B 229 -11.84 -18.99 3.66
N GLY B 230 -11.81 -19.17 4.98
CA GLY B 230 -11.73 -18.05 5.88
C GLY B 230 -12.28 -18.38 7.24
N THR B 231 -12.12 -17.42 8.16
CA THR B 231 -12.72 -17.53 9.48
C THR B 231 -14.23 -17.72 9.41
N HIS B 232 -14.86 -17.20 8.35
CA HIS B 232 -16.30 -17.34 8.20
C HIS B 232 -16.68 -18.78 7.91
N GLU B 233 -15.94 -19.47 7.02
CA GLU B 233 -16.15 -20.91 6.85
C GLU B 233 -15.97 -21.64 8.17
N ALA B 234 -14.94 -21.28 8.93
CA ALA B 234 -14.65 -22.00 10.16
C ALA B 234 -15.74 -21.82 11.21
N ARG B 235 -16.56 -20.78 11.08
CA ARG B 235 -17.67 -20.51 11.98
C ARG B 235 -19.01 -20.80 11.31
N GLY B 236 -19.01 -21.36 10.11
CA GLY B 236 -20.24 -21.68 9.42
C GLY B 236 -21.08 -20.49 9.01
N VAL B 237 -20.44 -19.43 8.51
CA VAL B 237 -21.17 -18.23 8.09
C VAL B 237 -20.71 -17.83 6.69
N PHE B 238 -20.13 -18.77 5.96
CA PHE B 238 -19.70 -18.54 4.59
C PHE B 238 -20.89 -18.07 3.75
N GLY B 239 -20.67 -17.04 2.93
CA GLY B 239 -21.76 -16.42 2.19
C GLY B 239 -22.66 -15.50 2.99
N LYS B 240 -22.39 -15.30 4.29
CA LYS B 240 -23.22 -14.45 5.14
C LYS B 240 -22.42 -13.27 5.69
N ILE B 241 -21.43 -12.79 4.95
CA ILE B 241 -20.55 -11.71 5.40
C ILE B 241 -20.72 -10.51 4.49
N ASP B 242 -20.98 -9.36 5.09
CA ASP B 242 -21.19 -8.15 4.29
C ASP B 242 -19.89 -7.69 3.64
N ILE B 243 -18.79 -7.70 4.40
CA ILE B 243 -17.51 -7.13 3.98
C ILE B 243 -16.38 -8.05 4.43
N ILE B 244 -15.53 -8.45 3.50
CA ILE B 244 -14.28 -9.14 3.82
C ILE B 244 -13.15 -8.29 3.27
N THR B 245 -12.31 -7.75 4.14
CA THR B 245 -11.03 -7.20 3.71
C THR B 245 -9.96 -8.25 3.96
N GLY B 246 -8.92 -8.23 3.14
CA GLY B 246 -7.88 -9.22 3.30
C GLY B 246 -6.70 -8.94 2.42
N THR B 247 -5.66 -9.76 2.61
CA THR B 247 -4.35 -9.57 2.02
C THR B 247 -4.00 -10.73 1.07
N LEU B 248 -3.12 -10.43 0.13
CA LEU B 248 -2.43 -11.45 -0.65
C LEU B 248 -1.00 -11.70 -0.16
N GLY B 249 -0.54 -10.95 0.83
CA GLY B 249 0.84 -11.01 1.27
C GLY B 249 1.07 -11.88 2.48
N ALA B 250 0.09 -12.69 2.86
CA ALA B 250 0.24 -13.65 3.95
C ALA B 250 0.17 -15.05 3.34
N ALA B 251 -0.91 -15.80 3.59
CA ALA B 251 -0.93 -17.19 3.13
C ALA B 251 -0.99 -17.30 1.61
N LEU B 252 -1.45 -16.27 0.91
CA LEU B 252 -1.81 -16.37 -0.49
C LEU B 252 -0.68 -15.99 -1.45
N GLY B 253 0.58 -16.13 -1.02
CA GLY B 253 1.71 -15.78 -1.88
C GLY B 253 2.80 -14.96 -1.22
N GLY B 254 2.43 -14.03 -0.33
CA GLY B 254 3.41 -13.31 0.45
C GLY B 254 4.09 -12.17 -0.25
N ALA B 255 3.65 -11.80 -1.45
CA ALA B 255 4.37 -10.79 -2.23
C ALA B 255 3.81 -9.40 -1.99
N SER B 256 2.52 -9.20 -2.24
CA SER B 256 1.88 -7.90 -2.19
C SER B 256 0.39 -8.00 -2.50
N GLY B 257 -0.30 -6.86 -2.51
CA GLY B 257 -1.70 -6.82 -2.84
C GLY B 257 -2.61 -7.14 -1.68
N GLY B 258 -3.84 -6.64 -1.79
CA GLY B 258 -4.92 -6.97 -0.89
C GLY B 258 -6.23 -6.83 -1.64
N PHE B 259 -7.33 -6.84 -0.88
CA PHE B 259 -8.64 -6.83 -1.54
C PHE B 259 -9.73 -6.50 -0.55
N THR B 260 -10.85 -6.01 -1.09
CA THR B 260 -12.12 -5.99 -0.37
C THR B 260 -13.16 -6.77 -1.17
N SER B 261 -13.85 -7.68 -0.49
CA SER B 261 -14.89 -8.52 -1.09
C SER B 261 -16.23 -8.20 -0.48
N ALA B 262 -17.23 -7.97 -1.32
CA ALA B 262 -18.56 -7.56 -0.87
C ALA B 262 -19.56 -7.74 -2.02
N ARG B 263 -20.82 -7.38 -1.75
CA ARG B 263 -21.84 -7.41 -2.81
C ARG B 263 -21.47 -6.45 -3.94
N LYS B 264 -22.07 -6.67 -5.10
CA LYS B 264 -21.67 -5.96 -6.31
C LYS B 264 -21.66 -4.44 -6.13
N GLU B 265 -22.61 -3.90 -5.36
CA GLU B 265 -22.74 -2.45 -5.33
C GLU B 265 -21.67 -1.82 -4.42
N VAL B 266 -21.37 -2.46 -3.28
CA VAL B 266 -20.27 -1.98 -2.45
C VAL B 266 -18.99 -1.92 -3.27
N VAL B 267 -18.62 -3.05 -3.87
CA VAL B 267 -17.40 -3.12 -4.65
C VAL B 267 -17.42 -2.06 -5.75
N ALA B 268 -18.58 -1.87 -6.39
CA ALA B 268 -18.67 -0.85 -7.43
C ALA B 268 -18.43 0.54 -6.87
N LEU B 269 -18.97 0.82 -5.68
CA LEU B 269 -18.74 2.14 -5.10
C LEU B 269 -17.28 2.29 -4.68
N LEU B 270 -16.68 1.24 -4.14
CA LEU B 270 -15.25 1.27 -3.84
C LEU B 270 -14.44 1.62 -5.08
N ARG B 271 -14.76 1.03 -6.24
CA ARG B 271 -14.05 1.42 -7.45
C ARG B 271 -14.25 2.90 -7.75
N GLN B 272 -15.49 3.39 -7.64
CA GLN B 272 -15.78 4.78 -8.02
C GLN B 272 -15.13 5.80 -7.10
N ARG B 273 -14.92 5.45 -5.82
CA ARG B 273 -14.70 6.46 -4.80
C ARG B 273 -13.60 6.16 -3.79
N SER B 274 -13.13 4.92 -3.63
CA SER B 274 -12.12 4.61 -2.61
C SER B 274 -10.78 5.26 -2.94
N ARG B 275 -10.26 6.06 -2.00
CA ARG B 275 -9.10 6.88 -2.32
C ARG B 275 -7.86 6.07 -2.70
N PRO B 276 -7.49 4.99 -2.00
CA PRO B 276 -6.33 4.22 -2.47
C PRO B 276 -6.53 3.57 -3.85
N TYR B 277 -7.76 3.15 -4.19
CA TYR B 277 -8.02 2.59 -5.52
C TYR B 277 -7.89 3.66 -6.60
N LEU B 278 -8.43 4.86 -6.34
CA LEU B 278 -8.31 5.94 -7.31
C LEU B 278 -6.87 6.40 -7.47
N PHE B 279 -6.13 6.47 -6.37
CA PHE B 279 -4.94 7.31 -6.27
C PHE B 279 -3.67 6.55 -5.97
N SER B 280 -3.66 5.23 -6.11
CA SER B 280 -2.44 4.47 -5.86
C SER B 280 -2.35 3.32 -6.85
N ASN B 281 -1.11 2.95 -7.17
CA ASN B 281 -0.82 2.01 -8.26
C ASN B 281 -1.63 0.72 -8.16
N THR B 282 -1.96 0.17 -9.33
CA THR B 282 -2.56 -1.15 -9.43
C THR B 282 -1.59 -2.24 -9.00
N VAL B 283 -2.12 -3.41 -8.65
CA VAL B 283 -1.26 -4.53 -8.29
C VAL B 283 -0.44 -4.96 -9.49
N ALA B 284 0.82 -5.34 -9.25
CA ALA B 284 1.72 -5.65 -10.36
C ALA B 284 1.32 -6.94 -11.05
N PRO B 285 1.52 -7.03 -12.38
CA PRO B 285 1.04 -8.21 -13.13
C PRO B 285 1.55 -9.54 -12.60
N ALA B 286 2.82 -9.63 -12.21
CA ALA B 286 3.35 -10.89 -11.72
C ALA B 286 2.61 -11.35 -10.47
N ILE B 287 2.23 -10.41 -9.61
CA ILE B 287 1.58 -10.77 -8.35
C ILE B 287 0.14 -11.24 -8.61
N VAL B 288 -0.56 -10.59 -9.53
CA VAL B 288 -1.92 -11.03 -9.83
C VAL B 288 -1.90 -12.42 -10.44
N GLY B 289 -1.04 -12.62 -11.44
CA GLY B 289 -0.94 -13.93 -12.08
C GLY B 289 -0.53 -15.03 -11.12
N ALA B 290 0.50 -14.78 -10.30
CA ALA B 290 0.86 -15.76 -9.28
C ALA B 290 -0.28 -15.98 -8.30
N SER B 291 -1.10 -14.96 -8.02
CA SER B 291 -2.25 -15.13 -7.14
C SER B 291 -3.30 -16.07 -7.76
N ILE B 292 -3.54 -15.92 -9.07
CA ILE B 292 -4.48 -16.80 -9.75
C ILE B 292 -4.02 -18.25 -9.67
N ALA B 293 -2.72 -18.50 -9.82
CA ALA B 293 -2.17 -19.83 -9.59
C ALA B 293 -2.36 -20.28 -8.15
N VAL B 294 -2.11 -19.39 -7.18
CA VAL B 294 -2.30 -19.74 -5.78
C VAL B 294 -3.70 -20.29 -5.54
N LEU B 295 -4.72 -19.65 -6.12
CA LEU B 295 -6.08 -20.15 -5.96
C LEU B 295 -6.30 -21.47 -6.72
N ASP B 296 -5.56 -21.69 -7.80
CA ASP B 296 -5.59 -22.98 -8.47
C ASP B 296 -5.12 -24.09 -7.52
N ILE B 297 -4.03 -23.84 -6.79
CA ILE B 297 -3.49 -24.84 -5.87
C ILE B 297 -4.45 -25.11 -4.73
N LEU B 298 -4.96 -24.04 -4.10
CA LEU B 298 -5.77 -24.23 -2.90
C LEU B 298 -7.16 -24.76 -3.20
N GLU B 299 -7.65 -24.55 -4.41
CA GLU B 299 -8.94 -25.11 -4.80
C GLU B 299 -8.83 -26.53 -5.35
N ALA B 300 -7.60 -27.03 -5.56
CA ALA B 300 -7.41 -28.39 -6.03
C ALA B 300 -7.28 -29.40 -4.90
N SER B 301 -6.85 -28.95 -3.73
CA SER B 301 -6.50 -29.84 -2.63
C SER B 301 -6.38 -29.02 -1.37
N THR B 302 -6.65 -29.65 -0.23
CA THR B 302 -6.54 -29.02 1.07
C THR B 302 -5.29 -29.44 1.83
N GLU B 303 -4.34 -30.09 1.14
CA GLU B 303 -3.26 -30.75 1.85
C GLU B 303 -2.40 -29.75 2.61
N LEU B 304 -2.13 -28.59 2.01
CA LEU B 304 -1.25 -27.61 2.65
C LEU B 304 -1.87 -27.07 3.94
N ARG B 305 -3.11 -26.58 3.88
CA ARG B 305 -3.77 -26.16 5.12
C ARG B 305 -3.95 -27.33 6.07
N ASP B 306 -4.07 -28.55 5.55
CA ASP B 306 -4.16 -29.71 6.44
C ASP B 306 -2.83 -29.98 7.13
N ARG B 307 -1.72 -29.88 6.40
CA ARG B 307 -0.42 -30.03 7.07
C ARG B 307 -0.12 -28.87 8.01
N LEU B 308 -0.68 -27.67 7.74
CA LEU B 308 -0.55 -26.57 8.69
C LEU B 308 -1.27 -26.88 10.00
N GLU B 309 -2.49 -27.41 9.92
CA GLU B 309 -3.22 -27.79 11.13
C GLU B 309 -2.44 -28.81 11.93
N GLY B 310 -1.85 -29.79 11.23
CA GLY B 310 -1.05 -30.78 11.92
C GLY B 310 0.16 -30.18 12.60
N ASN B 311 0.91 -29.35 11.87
CA ASN B 311 2.12 -28.77 12.45
C ASN B 311 1.80 -27.93 13.67
N THR B 312 0.66 -27.24 13.64
CA THR B 312 0.26 -26.38 14.77
C THR B 312 -0.11 -27.20 16.00
N ARG B 313 -1.01 -28.17 15.83
CA ARG B 313 -1.44 -29.01 16.94
C ARG B 313 -0.27 -29.73 17.58
N PHE B 314 0.69 -30.17 16.76
CA PHE B 314 1.91 -30.77 17.29
C PHE B 314 2.69 -29.76 18.12
N PHE B 315 2.93 -28.56 17.57
CA PHE B 315 3.81 -27.61 18.23
C PHE B 315 3.13 -26.98 19.44
N ARG B 316 1.84 -26.66 19.34
CA ARG B 316 1.11 -26.11 20.47
C ARG B 316 1.07 -27.11 21.63
N ALA B 317 0.72 -28.36 21.33
CA ALA B 317 0.77 -29.42 22.33
C ALA B 317 2.18 -29.62 22.87
N GLY B 318 3.20 -29.40 22.04
CA GLY B 318 4.57 -29.59 22.50
C GLY B 318 5.02 -28.52 23.47
N LEU B 319 4.70 -27.26 23.18
CA LEU B 319 5.02 -26.17 24.11
C LEU B 319 4.19 -26.26 25.38
N ASP B 320 2.99 -26.82 25.30
CA ASP B 320 2.17 -27.05 26.48
C ASP B 320 2.82 -28.07 27.41
N ARG B 321 3.17 -29.24 26.87
CA ARG B 321 3.87 -30.25 27.68
C ARG B 321 5.21 -29.74 28.19
N LEU B 322 5.78 -28.72 27.57
CA LEU B 322 7.02 -28.15 28.08
C LEU B 322 6.78 -27.14 29.20
N GLY B 323 5.53 -26.82 29.50
CA GLY B 323 5.23 -25.89 30.56
C GLY B 323 4.79 -24.51 30.09
N PHE B 324 4.86 -24.23 28.79
CA PHE B 324 4.47 -22.92 28.30
C PHE B 324 2.96 -22.74 28.39
N ASP B 325 2.54 -21.52 28.71
CA ASP B 325 1.12 -21.15 28.73
C ASP B 325 0.69 -20.92 27.29
N VAL B 326 0.25 -21.99 26.63
CA VAL B 326 0.05 -21.96 25.19
C VAL B 326 -1.29 -22.53 24.77
N LYS B 327 -1.68 -23.68 25.33
CA LYS B 327 -3.07 -24.14 25.27
C LYS B 327 -3.39 -24.86 23.95
N ALA B 328 -4.26 -25.87 24.04
CA ALA B 328 -5.10 -26.45 22.97
C ALA B 328 -4.28 -26.77 21.72
N GLY B 329 -4.69 -26.28 20.55
CA GLY B 329 -4.05 -26.57 19.27
C GLY B 329 -4.84 -25.84 18.20
N ASP B 330 -4.37 -25.95 16.95
CA ASP B 330 -5.09 -25.49 15.75
C ASP B 330 -4.91 -24.01 15.38
N HIS B 331 -4.51 -23.14 16.32
CA HIS B 331 -4.29 -21.72 16.01
C HIS B 331 -2.85 -21.52 15.54
N PRO B 332 -2.61 -21.31 14.24
CA PRO B 332 -1.22 -21.21 13.74
C PRO B 332 -0.40 -20.09 14.36
N ILE B 333 -1.04 -19.09 14.97
CA ILE B 333 -0.33 -18.04 15.69
C ILE B 333 -0.23 -18.45 17.14
N ILE B 334 0.99 -18.62 17.64
CA ILE B 334 1.22 -19.02 19.02
C ILE B 334 1.92 -17.89 19.75
N PRO B 335 1.20 -17.13 20.56
CA PRO B 335 1.83 -16.09 21.37
C PRO B 335 2.54 -16.68 22.58
N ILE B 336 3.72 -16.15 22.86
CA ILE B 336 4.51 -16.58 24.01
C ILE B 336 4.87 -15.29 24.75
N MET B 337 4.14 -15.03 25.84
CA MET B 337 4.22 -13.76 26.54
C MET B 337 5.50 -13.67 27.38
N VAL B 338 6.16 -12.52 27.34
CA VAL B 338 7.34 -12.31 28.18
C VAL B 338 7.21 -10.98 28.91
N TYR B 339 6.27 -10.14 28.48
CA TYR B 339 5.91 -8.91 29.17
C TYR B 339 7.04 -7.88 29.10
N ASP B 340 8.21 -8.21 29.63
CA ASP B 340 9.37 -7.33 29.54
C ASP B 340 9.86 -7.27 28.11
N ALA B 341 10.21 -6.06 27.66
CA ALA B 341 10.73 -5.89 26.31
C ALA B 341 12.12 -6.53 26.18
N ASP B 342 13.00 -6.24 27.15
CA ASP B 342 14.34 -6.83 27.15
C ASP B 342 14.28 -8.35 27.13
N LYS B 343 13.46 -8.94 28.00
CA LYS B 343 13.28 -10.39 28.01
C LYS B 343 12.80 -10.91 26.65
N ALA B 344 12.08 -10.07 25.89
CA ALA B 344 11.62 -10.47 24.57
C ALA B 344 12.76 -10.52 23.56
N GLN B 345 13.61 -9.50 23.56
CA GLN B 345 14.73 -9.48 22.64
C GLN B 345 15.75 -10.56 23.00
N GLN B 346 15.98 -10.78 24.31
CA GLN B 346 16.86 -11.85 24.77
C GLN B 346 16.36 -13.21 24.31
N LEU B 347 15.11 -13.54 24.64
CA LEU B 347 14.55 -14.81 24.21
C LEU B 347 14.75 -15.00 22.71
N ALA B 348 14.43 -13.96 21.92
CA ALA B 348 14.56 -14.08 20.47
C ALA B 348 16.01 -14.30 20.06
N GLN B 349 16.93 -13.61 20.73
CA GLN B 349 18.36 -13.80 20.46
C GLN B 349 18.83 -15.20 20.83
N ARG B 350 18.51 -15.64 22.06
CA ARG B 350 18.89 -16.98 22.48
C ARG B 350 18.33 -18.04 21.56
N LEU B 351 17.10 -17.85 21.07
CA LEU B 351 16.55 -18.85 20.17
C LEU B 351 17.31 -18.86 18.84
N LEU B 352 17.77 -17.69 18.39
CA LEU B 352 18.57 -17.63 17.17
C LEU B 352 19.87 -18.43 17.32
N GLU B 353 20.54 -18.29 18.48
CA GLU B 353 21.76 -19.06 18.71
C GLU B 353 21.48 -20.54 18.74
N LEU B 354 20.28 -20.94 19.19
CA LEU B 354 19.83 -22.32 19.17
C LEU B 354 19.19 -22.74 17.85
N GLY B 355 19.21 -21.86 16.84
CA GLY B 355 18.78 -22.24 15.50
C GLY B 355 17.33 -21.99 15.18
N VAL B 356 16.63 -21.17 15.96
CA VAL B 356 15.25 -20.80 15.65
C VAL B 356 15.19 -19.29 15.48
N TYR B 357 14.55 -18.86 14.40
CA TYR B 357 14.38 -17.46 14.04
C TYR B 357 12.99 -17.01 14.50
N VAL B 358 12.95 -16.25 15.59
CA VAL B 358 11.78 -15.49 16.00
C VAL B 358 12.22 -14.09 16.36
N VAL B 359 11.25 -13.20 16.49
CA VAL B 359 11.52 -11.79 16.71
C VAL B 359 10.68 -11.33 17.88
N GLY B 360 11.27 -10.47 18.71
CA GLY B 360 10.55 -9.93 19.84
C GLY B 360 9.47 -8.95 19.41
N PHE B 361 8.35 -8.99 20.11
CA PHE B 361 7.24 -8.08 19.90
C PHE B 361 7.12 -7.20 21.12
N PHE B 362 7.08 -5.88 20.92
CA PHE B 362 6.97 -4.92 22.01
C PHE B 362 6.46 -3.60 21.46
N TYR B 363 6.23 -2.66 22.36
CA TYR B 363 5.54 -1.41 22.01
C TYR B 363 6.24 -0.70 20.86
N PRO B 364 5.49 -0.14 19.89
CA PRO B 364 4.03 -0.06 19.87
C PRO B 364 3.31 -1.20 19.14
N VAL B 365 4.05 -2.22 18.73
CA VAL B 365 3.45 -3.39 18.07
C VAL B 365 2.47 -4.10 19.01
N VAL B 366 2.78 -4.14 20.31
CA VAL B 366 1.87 -4.66 21.34
C VAL B 366 1.93 -3.68 22.50
N PRO B 367 1.04 -3.74 23.50
CA PRO B 367 1.09 -2.73 24.58
C PRO B 367 2.37 -2.82 25.42
N LYS B 368 2.75 -1.66 25.97
CA LYS B 368 3.85 -1.61 26.92
C LYS B 368 3.60 -2.55 28.08
N GLY B 369 4.57 -3.41 28.37
CA GLY B 369 4.43 -4.38 29.43
C GLY B 369 3.78 -5.68 29.03
N GLN B 370 3.44 -5.85 27.76
CA GLN B 370 2.85 -7.09 27.28
C GLN B 370 3.66 -7.65 26.11
N ALA B 371 4.99 -7.56 26.21
CA ALA B 371 5.88 -8.05 25.16
C ALA B 371 5.69 -9.55 24.95
N ARG B 372 5.97 -10.01 23.74
CA ARG B 372 5.82 -11.43 23.48
C ARG B 372 6.71 -11.86 22.32
N ILE B 373 6.76 -13.17 22.14
CA ILE B 373 7.21 -13.79 20.92
C ILE B 373 5.95 -14.28 20.22
N ARG B 374 5.80 -13.92 18.94
CA ARG B 374 4.69 -14.42 18.14
C ARG B 374 5.26 -15.52 17.24
N VAL B 375 5.24 -16.75 17.76
CA VAL B 375 5.55 -17.91 16.93
C VAL B 375 4.46 -18.03 15.88
N GLN B 376 4.85 -18.37 14.65
CA GLN B 376 3.88 -18.59 13.58
C GLN B 376 4.18 -19.89 12.84
N MET B 377 3.18 -20.74 12.72
CA MET B 377 3.32 -22.02 12.05
C MET B 377 3.20 -21.88 10.53
N SER B 378 3.90 -22.77 9.83
CA SER B 378 3.75 -22.91 8.40
C SER B 378 3.53 -24.37 8.07
N ALA B 379 2.91 -24.62 6.92
CA ALA B 379 2.82 -25.98 6.42
C ALA B 379 4.16 -26.54 5.97
N LEU B 380 5.20 -25.70 5.89
CA LEU B 380 6.48 -26.10 5.31
C LEU B 380 7.31 -26.98 6.24
N HIS B 381 7.04 -26.94 7.53
CA HIS B 381 7.94 -27.56 8.49
C HIS B 381 7.78 -29.08 8.52
N ASP B 382 8.91 -29.78 8.41
CA ASP B 382 9.05 -31.18 8.73
C ASP B 382 9.13 -31.36 10.25
N GLU B 383 8.87 -32.58 10.71
CA GLU B 383 8.88 -32.82 12.16
C GLU B 383 10.29 -32.75 12.73
N ALA B 384 11.32 -33.00 11.93
CA ALA B 384 12.69 -32.82 12.40
C ALA B 384 12.95 -31.36 12.77
N ALA B 385 12.40 -30.43 11.99
CA ALA B 385 12.57 -29.01 12.33
C ALA B 385 11.67 -28.64 13.52
N LEU B 386 10.42 -29.10 13.50
CA LEU B 386 9.51 -28.79 14.62
C LEU B 386 10.03 -29.41 15.91
N GLN B 387 10.62 -30.60 15.85
CA GLN B 387 11.19 -31.19 17.04
C GLN B 387 12.45 -30.44 17.48
N ALA B 388 13.34 -30.12 16.55
CA ALA B 388 14.50 -29.32 16.93
C ALA B 388 14.07 -27.96 17.48
N ALA B 389 12.96 -27.43 16.97
CA ALA B 389 12.44 -26.17 17.48
C ALA B 389 11.99 -26.33 18.93
N LEU B 390 11.19 -27.36 19.21
CA LEU B 390 10.72 -27.61 20.57
C LEU B 390 11.88 -27.71 21.55
N ASP B 391 12.91 -28.47 21.18
CA ASP B 391 14.11 -28.53 22.02
C ASP B 391 14.70 -27.14 22.24
N ALA B 392 14.72 -26.31 21.19
CA ALA B 392 15.24 -24.96 21.32
C ALA B 392 14.38 -24.13 22.26
N PHE B 393 13.06 -24.35 22.24
CA PHE B 393 12.17 -23.59 23.09
C PHE B 393 12.23 -24.06 24.54
N GLY B 394 12.36 -25.38 24.74
CA GLY B 394 12.50 -25.89 26.10
C GLY B 394 13.77 -25.40 26.78
N GLN B 395 14.88 -25.42 26.06
CA GLN B 395 16.15 -24.93 26.62
C GLN B 395 16.08 -23.44 26.90
N ALA B 396 15.82 -22.63 25.88
CA ALA B 396 15.77 -21.18 26.06
C ALA B 396 14.68 -20.79 27.05
N GLY B 397 13.55 -21.51 27.03
CA GLY B 397 12.50 -21.26 28.00
C GLY B 397 12.95 -21.43 29.44
N ARG B 398 13.63 -22.55 29.74
CA ARG B 398 14.06 -22.74 31.11
C ARG B 398 15.29 -21.93 31.46
N GLU B 399 16.09 -21.55 30.46
CA GLU B 399 17.25 -20.72 30.77
C GLU B 399 16.83 -19.32 31.22
N LEU B 400 15.82 -18.75 30.59
CA LEU B 400 15.40 -17.38 30.87
C LEU B 400 14.28 -17.29 31.91
N GLY B 401 13.85 -18.40 32.48
CA GLY B 401 12.90 -18.37 33.56
C GLY B 401 11.48 -18.57 33.14
N LEU B 402 11.24 -18.83 31.86
CA LEU B 402 9.88 -18.94 31.35
C LEU B 402 9.22 -20.26 31.74
N ILE B 403 9.98 -21.30 32.03
CA ILE B 403 9.41 -22.58 32.43
C ILE B 403 10.26 -23.23 33.51
#